data_8EHO
#
_entry.id   8EHO
#
_cell.length_a   91.686
_cell.length_b   159.492
_cell.length_c   147.325
_cell.angle_alpha   90.00
_cell.angle_beta   90.00
_cell.angle_gamma   90.00
#
_symmetry.space_group_name_H-M   'C 2 2 21'
#
loop_
_entity.id
_entity.type
_entity.pdbx_description
1 polymer 'Papain-like protease 2'
2 polymer Ubiquitin
3 non-polymer 'ZINC ION'
4 non-polymer GLYCEROL
5 non-polymer 3-AMINOPROPANE
6 non-polymer 'NITRATE ION'
7 water water
#
loop_
_entity_poly.entity_id
_entity_poly.type
_entity_poly.pdbx_seq_one_letter_code
_entity_poly.pdbx_strand_id
1 'polypeptide(L)'
;GAAGKRARAKRAAKSEKDSAPTPKVALPVPTCGITTYSPPTDGSCGWHVLAAIMNRMINGDFTSPLTQYNRPEDDWASDY
DLVQAIQCLQLPATVVRNRACPNAKYLIKLNGVHWEVEVRSGMAPRSLPRECVVGVCSEGCVAPPYPADGLPKRALEALA
SAYRLPSDCVSSGIADFLANPPPQEFWTLDKMLTGSSGHHHHHH
;
A,C,E
2 'polypeptide(L)' MQIFVKTLTGKTITLEVEPSDTIENVKAKIQDKEGIPPDQQRLIFAGKQLEDGRTLSDYNIQKESTLHLVLRLRG B,D,F
#
# COMPACT_ATOMS: atom_id res chain seq x y z
N VAL A 29 43.12 1.66 -17.47
CA VAL A 29 42.44 2.06 -18.75
C VAL A 29 41.03 2.62 -18.52
N PRO A 30 40.71 3.83 -19.02
CA PRO A 30 39.34 4.36 -18.94
C PRO A 30 38.31 3.54 -19.72
N THR A 31 37.15 3.33 -19.10
CA THR A 31 36.01 2.61 -19.67
C THR A 31 34.77 3.49 -19.51
N CYS A 32 33.71 3.13 -20.24
CA CYS A 32 32.46 3.86 -20.22
C CYS A 32 31.28 2.90 -20.08
N GLY A 33 30.14 3.43 -19.62
CA GLY A 33 28.95 2.66 -19.36
C GLY A 33 28.94 2.13 -17.94
N ILE A 34 27.81 1.55 -17.55
CA ILE A 34 27.56 1.09 -16.20
C ILE A 34 27.33 -0.40 -16.19
N THR A 35 28.04 -1.11 -15.31
CA THR A 35 27.94 -2.55 -15.16
C THR A 35 27.30 -2.87 -13.80
N THR A 36 26.08 -3.42 -13.86
CA THR A 36 25.21 -3.60 -12.71
C THR A 36 24.81 -5.05 -12.56
N TYR A 37 24.81 -5.54 -11.31
CA TYR A 37 24.18 -6.81 -10.88
C TYR A 37 22.86 -6.50 -10.18
N SER A 38 21.75 -7.02 -10.73
CA SER A 38 20.44 -6.94 -10.13
C SER A 38 20.09 -8.33 -9.59
N PRO A 39 19.95 -8.51 -8.25
CA PRO A 39 19.54 -9.79 -7.67
C PRO A 39 18.17 -10.28 -8.14
N PRO A 40 17.84 -11.57 -7.89
CA PRO A 40 16.49 -12.06 -8.17
C PRO A 40 15.48 -11.40 -7.21
N THR A 41 14.20 -11.67 -7.42
CA THR A 41 13.13 -11.05 -6.66
C THR A 41 12.62 -12.01 -5.59
N ASP A 42 13.55 -12.62 -4.86
CA ASP A 42 13.24 -13.62 -3.83
C ASP A 42 12.98 -13.02 -2.45
N GLY A 43 13.54 -11.82 -2.22
CA GLY A 43 13.43 -11.08 -0.97
C GLY A 43 14.74 -10.93 -0.21
N SER A 44 15.83 -11.43 -0.81
CA SER A 44 17.15 -11.44 -0.19
C SER A 44 18.17 -10.61 -0.97
N CYS A 45 17.68 -9.60 -1.70
CA CYS A 45 18.46 -8.88 -2.68
C CYS A 45 19.74 -8.23 -2.12
N GLY A 46 19.67 -7.65 -0.92
CA GLY A 46 20.83 -7.02 -0.31
C GLY A 46 21.95 -8.03 -0.08
N TRP A 47 21.58 -9.19 0.47
CA TRP A 47 22.51 -10.26 0.79
C TRP A 47 23.09 -10.85 -0.49
N HIS A 48 22.25 -10.98 -1.53
CA HIS A 48 22.70 -11.39 -2.86
C HIS A 48 23.72 -10.40 -3.43
N VAL A 49 23.51 -9.11 -3.16
CA VAL A 49 24.41 -8.05 -3.61
C VAL A 49 25.81 -8.25 -3.02
N LEU A 50 25.89 -8.43 -1.69
CA LEU A 50 27.17 -8.66 -1.02
C LEU A 50 27.85 -9.95 -1.52
N ALA A 51 27.05 -11.03 -1.61
CA ALA A 51 27.47 -12.31 -2.17
C ALA A 51 28.10 -12.15 -3.55
N ALA A 52 27.50 -11.31 -4.39
CA ALA A 52 27.93 -11.08 -5.76
C ALA A 52 29.23 -10.27 -5.82
N ILE A 53 29.36 -9.27 -4.93
CA ILE A 53 30.58 -8.49 -4.80
C ILE A 53 31.75 -9.43 -4.53
N MET A 54 31.56 -10.31 -3.53
CA MET A 54 32.58 -11.28 -3.16
C MET A 54 32.82 -12.32 -4.27
N ASN A 55 31.76 -12.71 -4.96
CA ASN A 55 31.86 -13.71 -6.01
C ASN A 55 32.69 -13.19 -7.17
N ARG A 56 32.56 -11.90 -7.48
CA ARG A 56 33.41 -11.25 -8.51
C ARG A 56 34.84 -11.14 -7.99
N MET A 57 35.02 -10.69 -6.74
CA MET A 57 36.35 -10.55 -6.16
C MET A 57 37.15 -11.86 -6.25
N ILE A 58 36.49 -12.97 -5.86
CA ILE A 58 37.11 -14.29 -5.77
C ILE A 58 37.23 -15.02 -7.11
N ASN A 59 36.16 -15.01 -7.92
CA ASN A 59 36.05 -15.82 -9.14
C ASN A 59 35.83 -15.08 -10.46
N GLY A 60 35.66 -13.76 -10.40
CA GLY A 60 35.39 -12.93 -11.56
C GLY A 60 33.95 -12.98 -12.06
N ASP A 61 33.07 -13.64 -11.29
CA ASP A 61 31.66 -13.81 -11.62
C ASP A 61 30.80 -12.87 -10.79
N PHE A 62 30.36 -11.77 -11.42
CA PHE A 62 29.58 -10.73 -10.78
C PHE A 62 28.12 -11.14 -10.67
N THR A 63 27.83 -12.06 -9.75
CA THR A 63 26.50 -12.63 -9.55
C THR A 63 26.47 -13.43 -8.25
N SER A 64 25.27 -13.64 -7.69
CA SER A 64 25.13 -14.34 -6.42
C SER A 64 25.15 -15.86 -6.62
N PRO A 65 26.08 -16.58 -5.94
CA PRO A 65 26.03 -18.04 -5.87
C PRO A 65 25.18 -18.55 -4.69
N LEU A 66 24.62 -17.64 -3.88
CA LEU A 66 23.75 -18.05 -2.79
C LEU A 66 22.49 -18.63 -3.40
N THR A 67 21.96 -19.68 -2.75
CA THR A 67 20.71 -20.28 -3.15
C THR A 67 19.63 -19.27 -2.80
N GLN A 68 18.62 -19.14 -3.67
CA GLN A 68 17.57 -18.16 -3.48
C GLN A 68 16.83 -18.50 -2.21
N TYR A 69 16.44 -17.46 -1.46
CA TYR A 69 15.74 -17.59 -0.17
C TYR A 69 14.60 -16.58 -0.09
N ASN A 70 13.36 -17.06 0.04
CA ASN A 70 12.18 -16.22 0.08
C ASN A 70 11.93 -15.63 1.45
N ARG A 71 11.52 -14.36 1.47
CA ARG A 71 11.09 -13.67 2.70
C ARG A 71 10.30 -12.41 2.36
N PRO A 72 9.40 -11.96 3.27
CA PRO A 72 8.59 -10.76 3.07
C PRO A 72 9.20 -9.46 3.60
N GLU A 73 8.45 -8.36 3.46
CA GLU A 73 8.87 -6.98 3.82
C GLU A 73 9.56 -6.84 5.17
N ASP A 74 8.98 -7.45 6.19
CA ASP A 74 9.50 -7.36 7.55
C ASP A 74 10.86 -8.06 7.76
N ASP A 75 11.36 -8.76 6.74
CA ASP A 75 12.74 -9.27 6.77
C ASP A 75 13.62 -8.70 5.66
N TRP A 76 13.22 -7.56 5.09
CA TRP A 76 14.05 -6.83 4.16
C TRP A 76 15.28 -6.33 4.89
N ALA A 77 16.33 -5.98 4.13
CA ALA A 77 17.58 -5.48 4.70
C ALA A 77 17.68 -3.96 4.58
N SER A 78 18.16 -3.34 5.66
CA SER A 78 18.35 -1.90 5.73
C SER A 78 19.77 -1.52 5.32
N ASP A 79 19.98 -0.22 5.07
CA ASP A 79 21.31 0.34 4.84
C ASP A 79 22.24 0.10 6.04
N TYR A 80 21.67 0.12 7.26
CA TYR A 80 22.36 -0.20 8.53
C TYR A 80 22.94 -1.62 8.45
N ASP A 81 22.04 -2.61 8.20
CA ASP A 81 22.42 -4.01 8.07
C ASP A 81 23.55 -4.18 7.05
N LEU A 82 23.35 -3.62 5.85
CA LEU A 82 24.31 -3.76 4.76
C LEU A 82 25.68 -3.13 5.08
N VAL A 83 25.66 -1.98 5.77
CA VAL A 83 26.88 -1.29 6.16
C VAL A 83 27.69 -2.11 7.17
N GLN A 84 27.01 -2.59 8.21
CA GLN A 84 27.63 -3.47 9.19
C GLN A 84 28.26 -4.69 8.52
N ALA A 85 27.50 -5.33 7.62
CA ALA A 85 27.95 -6.51 6.90
C ALA A 85 29.18 -6.25 6.02
N ILE A 86 29.18 -5.11 5.30
CA ILE A 86 30.31 -4.68 4.47
C ILE A 86 31.58 -4.56 5.31
N GLN A 87 31.44 -4.03 6.53
CA GLN A 87 32.57 -3.85 7.44
C GLN A 87 33.09 -5.18 7.99
N CYS A 88 32.16 -6.08 8.35
CA CYS A 88 32.51 -7.44 8.79
C CYS A 88 33.27 -8.24 7.73
N LEU A 89 32.74 -8.22 6.50
CA LEU A 89 33.32 -8.96 5.38
C LEU A 89 34.50 -8.22 4.76
N GLN A 90 34.69 -6.96 5.19
CA GLN A 90 35.76 -6.08 4.70
C GLN A 90 35.74 -5.89 3.18
N LEU A 91 34.62 -5.38 2.66
CA LEU A 91 34.45 -5.21 1.21
C LEU A 91 34.81 -3.79 0.75
N PRO A 92 35.41 -3.65 -0.45
CA PRO A 92 35.62 -2.33 -1.06
C PRO A 92 34.31 -1.80 -1.68
N ALA A 93 33.34 -1.53 -0.81
CA ALA A 93 31.98 -1.24 -1.22
C ALA A 93 31.38 -0.12 -0.40
N THR A 94 30.63 0.77 -1.07
CA THR A 94 29.88 1.82 -0.38
C THR A 94 28.37 1.66 -0.61
N VAL A 95 27.57 2.18 0.32
CA VAL A 95 26.14 2.36 0.09
C VAL A 95 25.95 3.79 -0.41
N VAL A 96 25.54 3.92 -1.67
CA VAL A 96 25.37 5.23 -2.28
C VAL A 96 24.07 5.88 -1.82
N ARG A 97 24.19 7.02 -1.13
CA ARG A 97 23.06 7.87 -0.68
C ARG A 97 22.79 8.91 -1.79
N ASN A 98 23.77 9.77 -2.02
CA ASN A 98 23.67 10.87 -2.97
C ASN A 98 24.93 10.87 -3.84
N ARG A 99 26.07 11.24 -3.25
CA ARG A 99 27.41 11.15 -3.90
C ARG A 99 27.92 9.70 -3.77
N ALA A 100 28.49 9.14 -4.84
CA ALA A 100 29.22 7.90 -4.74
C ALA A 100 30.65 8.19 -4.30
N CYS A 101 31.14 7.45 -3.31
CA CYS A 101 32.52 7.53 -2.90
C CYS A 101 33.46 7.22 -4.07
N PRO A 102 34.32 8.17 -4.50
CA PRO A 102 35.24 7.94 -5.62
C PRO A 102 36.18 6.75 -5.40
N ASN A 103 36.46 6.39 -4.14
CA ASN A 103 37.35 5.27 -3.81
C ASN A 103 36.68 3.90 -3.74
N ALA A 104 35.35 3.87 -3.81
CA ALA A 104 34.63 2.61 -3.73
C ALA A 104 34.62 1.93 -5.11
N LYS A 105 35.15 0.70 -5.18
CA LYS A 105 35.12 -0.08 -6.42
C LYS A 105 33.69 -0.57 -6.71
N TYR A 106 32.95 -0.92 -5.64
CA TYR A 106 31.57 -1.46 -5.71
C TYR A 106 30.59 -0.44 -5.10
N LEU A 107 29.59 -0.06 -5.89
CA LEU A 107 28.57 0.91 -5.49
C LEU A 107 27.22 0.22 -5.29
N ILE A 108 26.77 0.12 -4.04
CA ILE A 108 25.47 -0.45 -3.72
C ILE A 108 24.40 0.64 -3.74
N LYS A 109 23.28 0.35 -4.44
CA LYS A 109 22.19 1.30 -4.62
C LYS A 109 20.84 0.66 -4.37
N LEU A 110 19.96 1.38 -3.66
CA LEU A 110 18.56 0.99 -3.55
C LEU A 110 17.82 1.56 -4.76
N ASN A 111 17.44 0.68 -5.68
CA ASN A 111 16.68 1.03 -6.88
C ASN A 111 15.20 0.77 -6.62
N GLY A 112 14.47 1.84 -6.29
CA GLY A 112 13.12 1.74 -5.77
C GLY A 112 13.19 1.06 -4.42
N VAL A 113 12.91 -0.24 -4.42
CA VAL A 113 13.04 -1.09 -3.23
C VAL A 113 13.90 -2.34 -3.47
N HIS A 114 14.67 -2.32 -4.58
CA HIS A 114 15.50 -3.45 -4.98
C HIS A 114 16.98 -3.05 -4.88
N TRP A 115 17.69 -3.63 -3.91
CA TRP A 115 19.13 -3.44 -3.74
C TRP A 115 19.82 -4.02 -4.98
N GLU A 116 20.62 -3.17 -5.65
CA GLU A 116 21.45 -3.57 -6.78
C GLU A 116 22.87 -3.10 -6.51
N VAL A 117 23.83 -3.58 -7.31
CA VAL A 117 25.23 -3.14 -7.16
C VAL A 117 25.94 -2.93 -8.49
N GLU A 118 26.59 -1.76 -8.62
CA GLU A 118 27.44 -1.40 -9.75
C GLU A 118 28.89 -1.73 -9.42
N VAL A 119 29.69 -2.00 -10.45
CA VAL A 119 31.12 -2.21 -10.30
C VAL A 119 31.93 -1.40 -11.30
N ARG A 120 32.99 -0.76 -10.79
CA ARG A 120 33.99 -0.02 -11.60
C ARG A 120 35.11 -1.00 -11.98
N SER A 121 35.06 -1.54 -13.20
CA SER A 121 35.91 -2.67 -13.64
C SER A 121 37.38 -2.25 -13.77
N GLY A 122 37.58 -1.06 -14.37
CA GLY A 122 38.90 -0.49 -14.55
C GLY A 122 39.29 0.34 -13.35
N MET A 123 39.62 -0.34 -12.25
CA MET A 123 39.95 0.29 -10.98
C MET A 123 40.37 -0.77 -9.97
N ALA A 124 41.54 -0.58 -9.34
CA ALA A 124 42.01 -1.44 -8.28
C ALA A 124 41.17 -1.20 -7.03
N PRO A 125 40.76 -2.25 -6.29
CA PRO A 125 39.96 -2.06 -5.08
C PRO A 125 40.74 -1.26 -4.02
N ARG A 126 40.04 -0.39 -3.27
CA ARG A 126 40.63 0.45 -2.19
C ARG A 126 39.95 0.12 -0.87
N SER A 127 40.73 0.06 0.22
CA SER A 127 40.21 -0.18 1.57
C SER A 127 39.58 1.11 2.08
N LEU A 128 38.26 1.09 2.26
CA LEU A 128 37.46 2.30 2.53
C LEU A 128 37.34 2.63 4.02
N PRO A 129 37.57 3.89 4.42
CA PRO A 129 37.15 4.37 5.74
C PRO A 129 35.64 4.18 5.97
N ARG A 130 35.22 4.21 7.24
CA ARG A 130 33.84 3.90 7.67
C ARG A 130 32.87 4.92 7.04
N GLU A 131 33.25 6.20 7.02
CA GLU A 131 32.40 7.25 6.45
C GLU A 131 32.22 7.03 4.95
N CYS A 132 33.26 6.49 4.30
CA CYS A 132 33.21 6.12 2.88
C CYS A 132 32.26 4.95 2.64
N VAL A 133 32.33 3.93 3.51
CA VAL A 133 31.45 2.75 3.41
C VAL A 133 29.98 3.14 3.57
N VAL A 134 29.72 3.97 4.59
CA VAL A 134 28.37 4.44 4.92
C VAL A 134 27.83 5.35 3.82
N GLY A 135 28.74 6.05 3.12
CA GLY A 135 28.39 6.97 2.05
C GLY A 135 28.07 8.37 2.52
N VAL A 136 28.77 8.83 3.56
CA VAL A 136 28.66 10.21 4.07
C VAL A 136 30.00 10.93 4.05
N CYS A 137 30.91 10.47 3.18
CA CYS A 137 32.24 11.03 3.05
C CYS A 137 32.22 12.34 2.25
N SER A 138 33.27 13.15 2.43
CA SER A 138 33.39 14.47 1.82
C SER A 138 34.39 14.46 0.67
N GLU A 139 34.24 15.45 -0.22
CA GLU A 139 35.15 15.64 -1.35
C GLU A 139 36.56 15.71 -0.77
N GLY A 140 37.45 14.87 -1.31
CA GLY A 140 38.83 14.74 -0.85
C GLY A 140 39.11 13.47 -0.08
N CYS A 141 38.07 12.66 0.18
CA CYS A 141 38.22 11.40 0.89
C CYS A 141 39.30 10.52 0.29
N VAL A 142 40.08 9.86 1.14
CA VAL A 142 41.24 9.06 0.73
C VAL A 142 41.13 7.64 1.25
N ALA A 143 41.62 6.68 0.44
CA ALA A 143 41.64 5.28 0.81
C ALA A 143 42.85 4.59 0.18
N PRO A 144 43.63 3.81 0.97
CA PRO A 144 44.80 3.10 0.44
C PRO A 144 44.41 1.86 -0.35
N PRO A 145 45.31 1.31 -1.18
CA PRO A 145 45.03 0.10 -1.94
C PRO A 145 44.53 -1.05 -1.04
N TYR A 146 43.53 -1.77 -1.50
CA TYR A 146 43.02 -3.03 -0.88
C TYR A 146 44.12 -4.07 -1.03
N PRO A 147 44.63 -4.70 0.06
CA PRO A 147 45.67 -5.72 -0.06
C PRO A 147 45.17 -6.95 -0.82
N ALA A 148 46.05 -7.61 -1.59
CA ALA A 148 45.66 -8.75 -2.45
C ALA A 148 45.01 -9.86 -1.60
N ASP A 149 45.66 -10.19 -0.48
CA ASP A 149 45.11 -11.07 0.55
C ASP A 149 44.45 -10.17 1.57
N GLY A 150 43.32 -9.56 1.15
CA GLY A 150 42.56 -8.57 1.91
C GLY A 150 41.12 -8.96 2.24
N LEU A 151 40.50 -9.76 1.36
CA LEU A 151 39.18 -10.34 1.61
C LEU A 151 39.35 -11.50 2.58
N PRO A 152 38.76 -11.42 3.80
CA PRO A 152 38.87 -12.52 4.76
C PRO A 152 38.60 -13.87 4.10
N LYS A 153 39.53 -14.82 4.27
CA LYS A 153 39.34 -16.16 3.76
C LYS A 153 38.10 -16.69 4.48
N ARG A 154 37.13 -17.15 3.69
CA ARG A 154 35.84 -17.72 4.13
C ARG A 154 34.84 -16.60 4.44
N ALA A 155 35.00 -15.42 3.83
CA ALA A 155 34.01 -14.35 3.92
C ALA A 155 32.69 -14.78 3.26
N LEU A 156 32.77 -15.24 2.01
CA LEU A 156 31.60 -15.68 1.24
C LEU A 156 30.89 -16.84 1.94
N GLU A 157 31.68 -17.75 2.53
CA GLU A 157 31.16 -18.87 3.32
C GLU A 157 30.44 -18.38 4.57
N ALA A 158 30.99 -17.34 5.22
CA ALA A 158 30.38 -16.74 6.40
C ALA A 158 29.00 -16.13 6.07
N LEU A 159 28.97 -15.33 4.99
CA LEU A 159 27.71 -14.78 4.47
C LEU A 159 26.71 -15.90 4.16
N ALA A 160 27.17 -16.94 3.47
CA ALA A 160 26.34 -18.09 3.13
C ALA A 160 25.74 -18.75 4.37
N SER A 161 26.53 -18.81 5.44
CA SER A 161 26.07 -19.40 6.70
C SER A 161 25.06 -18.51 7.41
N ALA A 162 25.17 -17.19 7.19
CA ALA A 162 24.40 -16.20 7.96
C ALA A 162 23.13 -15.62 7.31
N TYR A 163 23.11 -15.52 5.98
CA TYR A 163 22.16 -14.64 5.24
C TYR A 163 20.71 -15.01 5.56
N ARG A 164 20.40 -16.31 5.73
CA ARG A 164 18.99 -16.78 5.93
C ARG A 164 18.51 -16.49 7.35
N LEU A 165 19.38 -16.00 8.24
CA LEU A 165 18.96 -15.39 9.50
C LEU A 165 18.05 -14.19 9.24
N PRO A 166 17.37 -13.67 10.29
CA PRO A 166 16.75 -12.35 10.21
C PRO A 166 17.82 -11.31 9.80
N SER A 167 17.46 -10.39 8.91
CA SER A 167 18.43 -9.45 8.33
C SER A 167 19.19 -8.63 9.38
N ASP A 168 18.47 -8.19 10.43
CA ASP A 168 19.07 -7.45 11.55
C ASP A 168 20.05 -8.26 12.41
N CYS A 169 20.17 -9.56 12.12
CA CYS A 169 21.10 -10.47 12.81
C CYS A 169 22.22 -11.01 11.92
N VAL A 170 22.14 -10.73 10.61
CA VAL A 170 23.05 -11.34 9.63
C VAL A 170 24.50 -10.92 9.86
N SER A 171 24.71 -9.63 10.15
CA SER A 171 26.05 -9.11 10.41
C SER A 171 26.69 -9.74 11.65
N SER A 172 25.87 -9.93 12.71
CA SER A 172 26.29 -10.65 13.91
C SER A 172 26.70 -12.09 13.58
N GLY A 173 25.90 -12.76 12.74
CA GLY A 173 26.21 -14.09 12.23
C GLY A 173 27.56 -14.14 11.55
N ILE A 174 27.78 -13.23 10.60
CA ILE A 174 29.03 -13.13 9.84
C ILE A 174 30.21 -12.93 10.79
N ALA A 175 30.08 -11.93 11.67
CA ALA A 175 31.11 -11.60 12.65
C ALA A 175 31.49 -12.80 13.52
N ASP A 176 30.47 -13.51 14.03
CA ASP A 176 30.66 -14.71 14.84
C ASP A 176 31.45 -15.77 14.08
N PHE A 177 30.98 -16.09 12.87
CA PHE A 177 31.65 -17.04 11.99
C PHE A 177 33.13 -16.67 11.78
N LEU A 178 33.39 -15.46 11.26
CA LEU A 178 34.75 -15.02 10.94
C LEU A 178 35.66 -15.01 12.16
N ALA A 179 35.12 -14.62 13.32
CA ALA A 179 35.86 -14.53 14.57
C ALA A 179 36.25 -15.92 15.10
N ASN A 180 35.31 -16.86 15.05
CA ASN A 180 35.53 -18.23 15.52
C ASN A 180 35.09 -19.29 14.50
N PRO A 181 35.76 -19.37 13.32
CA PRO A 181 35.27 -20.16 12.19
C PRO A 181 35.44 -21.67 12.37
N PRO A 182 34.44 -22.49 11.98
CA PRO A 182 34.55 -23.94 12.08
C PRO A 182 35.72 -24.48 11.27
N PRO A 183 36.72 -25.13 11.89
CA PRO A 183 37.96 -25.50 11.21
C PRO A 183 37.86 -26.72 10.27
N GLN A 184 36.97 -27.67 10.58
CA GLN A 184 36.78 -28.88 9.78
C GLN A 184 36.30 -28.58 8.36
N GLU A 185 37.03 -29.09 7.36
CA GLU A 185 36.74 -28.83 5.94
C GLU A 185 35.29 -29.15 5.54
N PHE A 186 34.71 -30.20 6.14
CA PHE A 186 33.31 -30.59 5.91
C PHE A 186 32.43 -30.41 7.16
N TRP A 187 32.65 -29.31 7.88
CA TRP A 187 31.95 -29.00 9.12
C TRP A 187 30.42 -28.99 8.99
N THR A 188 29.92 -28.59 7.81
CA THR A 188 28.50 -28.56 7.52
C THR A 188 27.92 -29.99 7.54
N LEU A 189 28.59 -30.90 6.83
CA LEU A 189 28.24 -32.32 6.83
C LEU A 189 28.34 -32.92 8.24
N ASP A 190 29.39 -32.55 9.00
CA ASP A 190 29.51 -32.93 10.42
C ASP A 190 28.26 -32.53 11.21
N LYS A 191 27.84 -31.27 11.01
CA LYS A 191 26.73 -30.66 11.75
C LYS A 191 25.39 -31.34 11.42
N MET A 192 25.26 -31.83 10.18
CA MET A 192 24.21 -32.78 9.82
C MET A 192 24.52 -34.18 10.35
N MET B 1 23.98 23.02 24.54
CA MET B 1 25.13 23.14 23.60
C MET B 1 24.66 23.06 22.15
N GLN B 2 25.50 23.55 21.24
CA GLN B 2 25.25 23.47 19.80
C GLN B 2 25.88 22.23 19.20
N ILE B 3 25.12 21.54 18.35
CA ILE B 3 25.67 20.58 17.41
C ILE B 3 25.17 20.90 16.01
N PHE B 4 25.89 20.39 15.00
CA PHE B 4 25.52 20.55 13.60
C PHE B 4 25.13 19.21 13.01
N VAL B 5 24.15 19.24 12.11
CA VAL B 5 23.69 18.05 11.38
C VAL B 5 23.79 18.36 9.89
N LYS B 6 24.50 17.50 9.16
CA LYS B 6 24.72 17.67 7.72
C LYS B 6 23.88 16.68 6.91
N THR B 7 22.95 17.21 6.11
CA THR B 7 22.11 16.38 5.24
C THR B 7 22.92 15.91 4.05
N LEU B 8 22.33 14.99 3.27
CA LEU B 8 22.98 14.41 2.09
C LEU B 8 23.23 15.42 0.98
N THR B 9 22.41 16.48 0.95
CA THR B 9 22.52 17.56 -0.03
C THR B 9 23.47 18.67 0.43
N GLY B 10 24.07 18.48 1.60
CA GLY B 10 25.10 19.37 2.13
C GLY B 10 24.55 20.55 2.90
N LYS B 11 23.28 20.47 3.33
CA LYS B 11 22.70 21.45 4.23
C LYS B 11 23.25 21.22 5.62
N THR B 12 23.44 22.31 6.38
CA THR B 12 23.91 22.25 7.75
C THR B 12 22.89 22.86 8.69
N ILE B 13 22.23 21.99 9.46
CA ILE B 13 21.28 22.36 10.49
C ILE B 13 22.05 22.59 11.78
N THR B 14 21.62 23.59 12.56
CA THR B 14 22.19 23.87 13.87
C THR B 14 21.13 23.61 14.93
N LEU B 15 21.49 22.78 15.93
CA LEU B 15 20.59 22.39 17.00
C LEU B 15 21.10 22.81 18.36
N GLU B 16 20.16 23.10 19.26
CA GLU B 16 20.40 23.26 20.68
C GLU B 16 20.02 21.97 21.36
N VAL B 17 20.98 21.37 22.07
CA VAL B 17 20.79 20.08 22.74
C VAL B 17 21.54 20.04 24.08
N GLU B 18 21.22 19.01 24.88
CA GLU B 18 21.96 18.66 26.08
C GLU B 18 22.67 17.33 25.88
N PRO B 19 23.82 17.09 26.56
CA PRO B 19 24.48 15.79 26.49
C PRO B 19 23.56 14.63 26.87
N SER B 20 22.59 14.88 27.77
CA SER B 20 21.62 13.89 28.22
C SER B 20 20.64 13.45 27.11
N ASP B 21 20.36 14.36 26.16
CA ASP B 21 19.37 14.13 25.11
C ASP B 21 19.61 12.82 24.39
N THR B 22 18.52 12.05 24.20
CA THR B 22 18.56 10.80 23.47
C THR B 22 18.55 11.06 21.97
N ILE B 23 19.03 10.07 21.20
CA ILE B 23 19.01 10.16 19.74
C ILE B 23 17.61 10.49 19.20
N GLU B 24 16.59 9.94 19.88
CA GLU B 24 15.18 10.20 19.56
C GLU B 24 14.81 11.69 19.70
N ASN B 25 15.30 12.32 20.77
CA ASN B 25 15.13 13.76 20.99
C ASN B 25 15.69 14.54 19.83
N VAL B 26 16.93 14.20 19.46
CA VAL B 26 17.63 14.89 18.37
C VAL B 26 16.83 14.77 17.06
N LYS B 27 16.32 13.57 16.77
CA LYS B 27 15.47 13.35 15.60
C LYS B 27 14.20 14.21 15.59
N ALA B 28 13.56 14.34 16.75
CA ALA B 28 12.39 15.22 16.93
C ALA B 28 12.72 16.69 16.65
N LYS B 29 13.91 17.12 17.06
CA LYS B 29 14.37 18.49 16.84
C LYS B 29 14.64 18.75 15.36
N ILE B 30 15.27 17.76 14.70
CA ILE B 30 15.49 17.79 13.26
C ILE B 30 14.17 17.91 12.51
N GLN B 31 13.15 17.17 12.96
CA GLN B 31 11.80 17.30 12.41
C GLN B 31 11.27 18.73 12.54
N ASP B 32 11.42 19.31 13.73
CA ASP B 32 10.96 20.68 13.97
C ASP B 32 11.65 21.73 13.07
N LYS B 33 12.93 21.49 12.73
CA LYS B 33 13.70 22.37 11.86
C LYS B 33 13.56 22.11 10.36
N GLU B 34 13.28 20.85 9.97
CA GLU B 34 13.38 20.43 8.57
C GLU B 34 12.17 19.70 7.97
N GLY B 35 11.26 19.22 8.82
CA GLY B 35 10.09 18.47 8.40
C GLY B 35 10.41 17.09 7.87
N ILE B 36 11.51 16.51 8.37
CA ILE B 36 11.91 15.15 8.05
C ILE B 36 11.36 14.27 9.16
N PRO B 37 10.44 13.32 8.85
CA PRO B 37 9.92 12.40 9.87
C PRO B 37 11.01 11.53 10.50
N PRO B 38 11.06 11.43 11.85
CA PRO B 38 12.03 10.56 12.51
C PRO B 38 12.03 9.12 11.98
N ASP B 39 10.86 8.63 11.54
CA ASP B 39 10.65 7.32 10.92
C ASP B 39 11.72 6.98 9.89
N GLN B 40 12.14 8.00 9.13
CA GLN B 40 13.06 7.84 8.00
C GLN B 40 14.43 8.48 8.21
N GLN B 41 14.72 8.85 9.47
CA GLN B 41 16.01 9.43 9.88
C GLN B 41 16.94 8.35 10.41
N ARG B 42 18.22 8.43 10.03
CA ARG B 42 19.36 7.72 10.68
C ARG B 42 20.51 8.73 10.85
N LEU B 43 21.07 8.82 12.06
CA LEU B 43 22.16 9.74 12.35
C LEU B 43 23.48 9.00 12.47
N ILE B 44 24.51 9.52 11.77
CA ILE B 44 25.86 8.97 11.77
C ILE B 44 26.77 9.96 12.49
N PHE B 45 27.74 9.44 13.25
CA PHE B 45 28.78 10.24 13.88
C PHE B 45 30.15 9.59 13.70
N ALA B 46 30.95 10.16 12.79
CA ALA B 46 32.27 9.66 12.44
C ALA B 46 32.23 8.21 11.93
N GLY B 47 31.17 7.89 11.16
CA GLY B 47 30.93 6.55 10.65
C GLY B 47 30.09 5.64 11.54
N LYS B 48 30.03 5.96 12.85
CA LYS B 48 29.30 5.17 13.83
C LYS B 48 27.80 5.46 13.71
N GLN B 49 27.02 4.41 13.44
CA GLN B 49 25.59 4.55 13.22
C GLN B 49 24.86 4.61 14.56
N LEU B 50 24.29 5.77 14.88
CA LEU B 50 23.67 6.02 16.19
C LEU B 50 22.36 5.23 16.31
N GLU B 51 21.97 4.92 17.56
CA GLU B 51 20.77 4.13 17.84
C GLU B 51 19.84 4.82 18.84
N ASP B 52 18.53 4.65 18.63
CA ASP B 52 17.47 5.40 19.31
C ASP B 52 17.57 5.42 20.84
N GLY B 53 17.92 4.26 21.42
CA GLY B 53 17.97 4.09 22.86
C GLY B 53 18.90 5.03 23.60
N ARG B 54 20.06 5.31 23.00
CA ARG B 54 21.23 5.93 23.69
C ARG B 54 21.17 7.46 23.65
N THR B 55 22.05 8.10 24.43
CA THR B 55 22.19 9.55 24.53
C THR B 55 23.40 10.04 23.73
N LEU B 56 23.51 11.38 23.62
CA LEU B 56 24.67 12.02 23.02
C LEU B 56 25.93 11.75 23.85
N SER B 57 25.77 11.79 25.19
CA SER B 57 26.83 11.46 26.14
C SER B 57 27.46 10.11 25.81
N ASP B 58 26.61 9.09 25.65
CA ASP B 58 27.04 7.72 25.38
C ASP B 58 27.94 7.57 24.15
N TYR B 59 27.73 8.44 23.15
CA TYR B 59 28.42 8.40 21.83
C TYR B 59 29.55 9.44 21.78
N ASN B 60 29.76 10.18 22.88
CA ASN B 60 30.84 11.17 23.00
C ASN B 60 30.67 12.37 22.07
N ILE B 61 29.42 12.84 21.95
CA ILE B 61 29.06 13.95 21.08
C ILE B 61 29.00 15.21 21.93
N GLN B 62 30.03 16.04 21.80
CA GLN B 62 30.21 17.24 22.61
C GLN B 62 29.86 18.47 21.79
N LYS B 63 29.93 19.64 22.44
CA LYS B 63 29.70 20.92 21.78
C LYS B 63 30.47 20.97 20.46
N GLU B 64 29.84 21.57 19.44
CA GLU B 64 30.41 21.78 18.10
C GLU B 64 30.49 20.54 17.20
N SER B 65 30.15 19.36 17.75
CA SER B 65 30.19 18.12 16.99
C SER B 65 29.30 18.22 15.75
N THR B 66 29.68 17.49 14.70
CA THR B 66 28.89 17.39 13.47
C THR B 66 28.43 15.94 13.27
N LEU B 67 27.11 15.77 13.13
CA LEU B 67 26.49 14.50 12.78
C LEU B 67 26.12 14.57 11.31
N HIS B 68 25.96 13.39 10.68
CA HIS B 68 25.47 13.28 9.32
C HIS B 68 24.08 12.67 9.34
N LEU B 69 23.11 13.37 8.72
CA LEU B 69 21.75 12.87 8.57
C LEU B 69 21.66 12.07 7.28
N VAL B 70 21.03 10.90 7.39
CA VAL B 70 20.91 9.95 6.32
C VAL B 70 19.46 9.44 6.31
N LEU B 71 18.99 9.12 5.11
CA LEU B 71 17.66 8.55 4.89
C LEU B 71 17.74 7.04 5.06
N ARG B 72 16.85 6.49 5.90
CA ARG B 72 16.69 5.02 6.11
C ARG B 72 16.29 4.36 4.78
N LEU B 73 17.05 3.33 4.37
CA LEU B 73 16.76 2.56 3.17
C LEU B 73 16.47 1.12 3.57
N ARG B 74 15.37 0.57 3.05
CA ARG B 74 15.00 -0.86 3.23
C ARG B 74 14.68 -1.49 1.86
N GLY B 75 15.20 -2.69 1.62
CA GLY B 75 14.95 -3.42 0.39
C GLY B 75 15.10 -4.92 0.57
N PRO C 28 -33.84 -1.37 -5.83
CA PRO C 28 -32.49 -1.35 -5.24
C PRO C 28 -31.75 0.00 -5.40
N VAL C 29 -32.46 1.03 -5.87
CA VAL C 29 -31.98 2.43 -6.13
C VAL C 29 -30.63 2.49 -6.87
N PRO C 30 -30.53 3.17 -8.03
CA PRO C 30 -29.26 3.34 -8.75
C PRO C 30 -28.22 4.14 -7.95
N THR C 31 -26.97 3.66 -7.99
CA THR C 31 -25.81 4.29 -7.36
C THR C 31 -24.71 4.44 -8.42
N CYS C 32 -23.71 5.27 -8.10
CA CYS C 32 -22.64 5.60 -9.04
C CYS C 32 -21.28 5.52 -8.38
N GLY C 33 -20.25 5.31 -9.20
CA GLY C 33 -18.88 5.15 -8.74
C GLY C 33 -18.57 3.69 -8.43
N ILE C 34 -17.29 3.44 -8.11
CA ILE C 34 -16.78 2.10 -7.90
C ILE C 34 -16.28 1.91 -6.48
N THR C 35 -16.74 0.83 -5.84
CA THR C 35 -16.34 0.45 -4.49
C THR C 35 -15.47 -0.82 -4.56
N THR C 36 -14.19 -0.65 -4.20
CA THR C 36 -13.17 -1.68 -4.35
C THR C 36 -12.52 -2.00 -3.02
N TYR C 37 -12.28 -3.29 -2.79
CA TYR C 37 -11.41 -3.83 -1.71
C TYR C 37 -10.07 -4.26 -2.33
N SER C 38 -8.98 -3.65 -1.85
CA SER C 38 -7.62 -4.01 -2.20
C SER C 38 -7.00 -4.72 -1.00
N PRO C 39 -6.66 -6.03 -1.11
CA PRO C 39 -5.97 -6.74 -0.04
C PRO C 39 -4.63 -6.15 0.36
N PRO C 40 -4.06 -6.55 1.51
CA PRO C 40 -2.69 -6.17 1.87
C PRO C 40 -1.70 -6.84 0.91
N THR C 41 -0.42 -6.47 1.04
CA THR C 41 0.63 -6.94 0.16
C THR C 41 1.42 -8.06 0.81
N ASP C 42 0.70 -9.04 1.38
CA ASP C 42 1.29 -10.14 2.13
C ASP C 42 1.65 -11.35 1.25
N GLY C 43 0.94 -11.47 0.11
CA GLY C 43 1.12 -12.55 -0.83
C GLY C 43 -0.10 -13.47 -0.95
N SER C 44 -1.18 -13.13 -0.23
CA SER C 44 -2.39 -13.95 -0.15
C SER C 44 -3.62 -13.21 -0.69
N CYS C 45 -3.38 -12.26 -1.60
CA CYS C 45 -4.39 -11.28 -2.01
C CYS C 45 -5.67 -11.91 -2.57
N GLY C 46 -5.53 -12.98 -3.38
CA GLY C 46 -6.68 -13.65 -3.95
C GLY C 46 -7.60 -14.22 -2.88
N TRP C 47 -6.98 -14.88 -1.90
CA TRP C 47 -7.69 -15.52 -0.80
C TRP C 47 -8.35 -14.46 0.09
N HIS C 48 -7.63 -13.35 0.31
CA HIS C 48 -8.18 -12.19 1.00
C HIS C 48 -9.41 -11.63 0.29
N VAL C 49 -9.37 -11.65 -1.04
CA VAL C 49 -10.48 -11.17 -1.88
C VAL C 49 -11.74 -12.01 -1.61
N LEU C 50 -11.60 -13.33 -1.68
CA LEU C 50 -12.74 -14.24 -1.42
C LEU C 50 -13.27 -14.06 0.02
N ALA C 51 -12.33 -14.04 0.97
CA ALA C 51 -12.63 -13.78 2.38
C ALA C 51 -13.44 -12.52 2.57
N ALA C 52 -13.10 -11.45 1.83
CA ALA C 52 -13.75 -10.15 1.92
C ALA C 52 -15.15 -10.17 1.32
N ILE C 53 -15.31 -10.88 0.19
CA ILE C 53 -16.62 -11.07 -0.44
C ILE C 53 -17.57 -11.68 0.59
N MET C 54 -17.11 -12.78 1.22
CA MET C 54 -17.91 -13.46 2.23
C MET C 54 -18.14 -12.62 3.48
N ASN C 55 -17.12 -11.83 3.87
CA ASN C 55 -17.22 -11.01 5.06
C ASN C 55 -18.27 -9.93 4.88
N ARG C 56 -18.38 -9.38 3.67
CA ARG C 56 -19.45 -8.39 3.34
C ARG C 56 -20.79 -9.12 3.31
N MET C 57 -20.87 -10.28 2.65
CA MET C 57 -22.12 -11.04 2.58
C MET C 57 -22.70 -11.31 3.97
N ILE C 58 -21.85 -11.77 4.88
CA ILE C 58 -22.23 -12.18 6.23
C ILE C 58 -22.41 -11.02 7.22
N ASN C 59 -21.47 -10.06 7.23
CA ASN C 59 -21.41 -9.01 8.25
C ASN C 59 -21.48 -7.56 7.75
N GLY C 60 -21.52 -7.36 6.43
CA GLY C 60 -21.54 -6.04 5.82
C GLY C 60 -20.18 -5.34 5.78
N ASP C 61 -19.13 -6.06 6.15
CA ASP C 61 -17.76 -5.55 6.21
C ASP C 61 -16.96 -6.05 5.02
N PHE C 62 -16.77 -5.17 4.03
CA PHE C 62 -16.09 -5.50 2.78
C PHE C 62 -14.58 -5.43 2.97
N THR C 63 -14.03 -6.44 3.65
CA THR C 63 -12.62 -6.51 3.99
C THR C 63 -12.29 -7.90 4.51
N SER C 64 -11.01 -8.28 4.45
CA SER C 64 -10.59 -9.62 4.87
C SER C 64 -10.39 -9.66 6.39
N PRO C 65 -11.08 -10.60 7.09
CA PRO C 65 -10.79 -10.89 8.49
C PRO C 65 -9.72 -11.98 8.65
N LEU C 66 -9.22 -12.53 7.55
CA LEU C 66 -8.16 -13.52 7.62
C LEU C 66 -6.91 -12.83 8.13
N THR C 67 -6.14 -13.55 8.93
CA THR C 67 -4.89 -13.03 9.45
C THR C 67 -3.94 -13.06 8.27
N GLN C 68 -3.09 -12.04 8.16
CA GLN C 68 -2.17 -11.91 7.03
C GLN C 68 -1.25 -13.08 7.04
N TYR C 69 -0.93 -13.59 5.86
CA TYR C 69 -0.04 -14.77 5.65
C TYR C 69 0.92 -14.49 4.49
N ASN C 70 2.22 -14.49 4.79
CA ASN C 70 3.25 -14.20 3.81
C ASN C 70 3.60 -15.41 2.95
N ARG C 71 3.81 -15.15 1.67
CA ARG C 71 4.30 -16.18 0.70
C ARG C 71 4.84 -15.52 -0.56
N PRO C 72 5.75 -16.20 -1.27
CA PRO C 72 6.35 -15.68 -2.51
C PRO C 72 5.63 -16.07 -3.80
N GLU C 73 6.16 -15.61 -4.96
CA GLU C 73 5.57 -15.78 -6.29
C GLU C 73 5.04 -17.18 -6.61
N ASP C 74 5.84 -18.19 -6.29
CA ASP C 74 5.50 -19.58 -6.57
C ASP C 74 4.31 -20.12 -5.76
N ASP C 75 3.79 -19.32 -4.82
CA ASP C 75 2.53 -19.66 -4.14
C ASP C 75 1.42 -18.63 -4.36
N TRP C 76 1.58 -17.81 -5.41
CA TRP C 76 0.52 -16.89 -5.82
C TRP C 76 -0.67 -17.71 -6.29
N ALA C 77 -1.84 -17.08 -6.36
CA ALA C 77 -3.07 -17.76 -6.79
C ALA C 77 -3.43 -17.40 -8.23
N SER C 78 -3.83 -18.42 -8.98
CA SER C 78 -4.22 -18.28 -10.38
C SER C 78 -5.72 -18.04 -10.50
N ASP C 79 -6.14 -17.61 -11.70
CA ASP C 79 -7.55 -17.50 -12.05
C ASP C 79 -8.27 -18.86 -11.93
N TYR C 80 -7.55 -19.95 -12.25
CA TYR C 80 -8.02 -21.36 -12.08
C TYR C 80 -8.38 -21.60 -10.62
N ASP C 81 -7.41 -21.37 -9.71
CA ASP C 81 -7.60 -21.53 -8.27
C ASP C 81 -8.82 -20.75 -7.80
N LEU C 82 -8.87 -19.46 -8.15
CA LEU C 82 -9.93 -18.57 -7.69
C LEU C 82 -11.31 -19.00 -8.21
N VAL C 83 -11.38 -19.47 -9.46
CA VAL C 83 -12.62 -19.94 -10.06
C VAL C 83 -13.15 -21.17 -9.33
N GLN C 84 -12.28 -22.17 -9.14
CA GLN C 84 -12.63 -23.37 -8.38
C GLN C 84 -13.16 -22.99 -6.99
N ALA C 85 -12.44 -22.11 -6.30
CA ALA C 85 -12.80 -21.67 -4.95
C ALA C 85 -14.16 -20.97 -4.91
N ILE C 86 -14.42 -20.08 -5.88
CA ILE C 86 -15.71 -19.38 -6.01
C ILE C 86 -16.87 -20.37 -6.11
N GLN C 87 -16.64 -21.45 -6.87
CA GLN C 87 -17.65 -22.49 -7.07
C GLN C 87 -17.89 -23.33 -5.81
N CYS C 88 -16.79 -23.68 -5.11
CA CYS C 88 -16.87 -24.40 -3.84
C CYS C 88 -17.64 -23.62 -2.77
N LEU C 89 -17.29 -22.35 -2.61
CA LEU C 89 -17.89 -21.47 -1.62
C LEU C 89 -19.23 -20.92 -2.08
N GLN C 90 -19.56 -21.15 -3.36
CA GLN C 90 -20.80 -20.70 -4.00
C GLN C 90 -21.02 -19.19 -3.90
N LEU C 91 -20.07 -18.41 -4.44
CA LEU C 91 -20.10 -16.95 -4.34
C LEU C 91 -20.73 -16.30 -5.56
N PRO C 92 -21.50 -15.20 -5.39
CA PRO C 92 -21.99 -14.41 -6.51
C PRO C 92 -20.87 -13.52 -7.09
N ALA C 93 -19.85 -14.17 -7.65
CA ALA C 93 -18.61 -13.50 -8.02
C ALA C 93 -18.09 -14.02 -9.34
N THR C 94 -17.59 -13.09 -10.17
CA THR C 94 -16.91 -13.45 -11.42
C THR C 94 -15.44 -13.03 -11.40
N VAL C 95 -14.61 -13.72 -12.18
CA VAL C 95 -13.26 -13.25 -12.49
C VAL C 95 -13.36 -12.50 -13.81
N VAL C 96 -13.14 -11.18 -13.77
CA VAL C 96 -13.28 -10.34 -14.95
C VAL C 96 -12.05 -10.48 -15.85
N ARG C 97 -12.28 -10.99 -17.07
CA ARG C 97 -11.24 -11.09 -18.13
C ARG C 97 -11.31 -9.82 -18.98
N ASN C 98 -12.45 -9.60 -19.64
CA ASN C 98 -12.65 -8.50 -20.56
C ASN C 98 -13.96 -7.80 -20.23
N ARG C 99 -15.09 -8.46 -20.51
CA ARG C 99 -16.45 -8.02 -20.11
C ARG C 99 -16.68 -8.47 -18.67
N ALA C 100 -17.26 -7.60 -17.83
CA ALA C 100 -17.78 -8.02 -16.54
C ALA C 100 -19.17 -8.59 -16.73
N CYS C 101 -19.40 -9.77 -16.14
CA CYS C 101 -20.71 -10.39 -16.13
C CYS C 101 -21.73 -9.44 -15.48
N PRO C 102 -22.79 -9.01 -16.22
CA PRO C 102 -23.80 -8.10 -15.66
C PRO C 102 -24.51 -8.67 -14.42
N ASN C 103 -24.57 -10.00 -14.28
CA ASN C 103 -25.22 -10.67 -13.16
C ASN C 103 -24.34 -10.88 -11.92
N ALA C 104 -23.05 -10.60 -12.04
CA ALA C 104 -22.13 -10.78 -10.93
C ALA C 104 -22.19 -9.57 -10.01
N LYS C 105 -22.53 -9.80 -8.73
CA LYS C 105 -22.54 -8.73 -7.73
C LYS C 105 -21.11 -8.31 -7.38
N TYR C 106 -20.20 -9.30 -7.33
CA TYR C 106 -18.76 -9.11 -6.98
C TYR C 106 -17.88 -9.38 -8.22
N LEU C 107 -17.06 -8.38 -8.58
CA LEU C 107 -16.16 -8.45 -9.71
C LEU C 107 -14.70 -8.55 -9.24
N ILE C 108 -14.09 -9.72 -9.44
CA ILE C 108 -12.69 -9.93 -9.11
C ILE C 108 -11.80 -9.55 -10.30
N LYS C 109 -10.76 -8.76 -10.02
CA LYS C 109 -9.86 -8.24 -11.06
C LYS C 109 -8.41 -8.40 -10.65
N LEU C 110 -7.55 -8.83 -11.58
CA LEU C 110 -6.12 -8.78 -11.39
C LEU C 110 -5.64 -7.40 -11.81
N ASN C 111 -5.25 -6.59 -10.81
CA ASN C 111 -4.75 -5.23 -11.01
C ASN C 111 -3.23 -5.27 -10.98
N GLY C 112 -2.63 -5.28 -12.17
CA GLY C 112 -1.23 -5.60 -12.34
C GLY C 112 -1.01 -7.04 -11.94
N VAL C 113 -0.54 -7.22 -10.70
CA VAL C 113 -0.37 -8.54 -10.11
C VAL C 113 -1.06 -8.69 -8.75
N HIS C 114 -1.96 -7.74 -8.45
CA HIS C 114 -2.66 -7.69 -7.17
C HIS C 114 -4.14 -7.94 -7.40
N TRP C 115 -4.63 -9.09 -6.93
CA TRP C 115 -6.05 -9.44 -6.98
C TRP C 115 -6.80 -8.44 -6.10
N GLU C 116 -7.80 -7.77 -6.70
CA GLU C 116 -8.69 -6.87 -6.00
C GLU C 116 -10.12 -7.28 -6.33
N VAL C 117 -11.09 -6.72 -5.60
CA VAL C 117 -12.50 -7.00 -5.87
C VAL C 117 -13.42 -5.77 -5.72
N GLU C 118 -14.25 -5.56 -6.75
CA GLU C 118 -15.28 -4.53 -6.75
C GLU C 118 -16.61 -5.14 -6.33
N VAL C 119 -17.48 -4.30 -5.76
CA VAL C 119 -18.84 -4.72 -5.39
C VAL C 119 -19.88 -3.73 -5.86
N ARG C 120 -20.96 -4.27 -6.47
CA ARG C 120 -22.16 -3.51 -6.90
C ARG C 120 -23.17 -3.49 -5.74
N SER C 121 -23.19 -2.42 -4.95
CA SER C 121 -23.90 -2.34 -3.67
C SER C 121 -25.42 -2.35 -3.88
N GLY C 122 -25.89 -1.60 -4.87
CA GLY C 122 -27.30 -1.52 -5.22
C GLY C 122 -27.69 -2.59 -6.21
N MET C 123 -27.74 -3.84 -5.72
CA MET C 123 -27.99 -5.01 -6.56
C MET C 123 -28.08 -6.25 -5.68
N ALA C 124 -29.16 -7.01 -5.84
CA ALA C 124 -29.35 -8.26 -5.14
C ALA C 124 -28.40 -9.31 -5.74
N PRO C 125 -27.73 -10.15 -4.91
CA PRO C 125 -26.82 -11.16 -5.44
C PRO C 125 -27.56 -12.16 -6.32
N ARG C 126 -26.92 -12.62 -7.40
CA ARG C 126 -27.49 -13.61 -8.35
C ARG C 126 -26.59 -14.85 -8.39
N SER C 127 -27.21 -16.04 -8.44
CA SER C 127 -26.49 -17.31 -8.54
C SER C 127 -26.00 -17.47 -9.96
N LEU C 128 -24.67 -17.45 -10.14
CA LEU C 128 -24.04 -17.38 -11.46
C LEU C 128 -23.79 -18.74 -12.10
N PRO C 129 -24.16 -18.95 -13.38
CA PRO C 129 -23.65 -20.07 -14.16
C PRO C 129 -22.11 -20.10 -14.21
N ARG C 130 -21.55 -21.26 -14.55
CA ARG C 130 -20.08 -21.53 -14.50
C ARG C 130 -19.36 -20.60 -15.48
N GLU C 131 -19.94 -20.41 -16.68
CA GLU C 131 -19.35 -19.53 -17.69
C GLU C 131 -19.32 -18.09 -17.21
N CYS C 132 -20.34 -17.71 -16.42
CA CYS C 132 -20.42 -16.39 -15.80
C CYS C 132 -19.34 -16.21 -14.73
N VAL C 133 -19.13 -17.24 -13.90
CA VAL C 133 -18.10 -17.21 -12.86
C VAL C 133 -16.71 -17.07 -13.46
N VAL C 134 -16.44 -17.88 -14.49
CA VAL C 134 -15.15 -17.92 -15.17
C VAL C 134 -14.91 -16.61 -15.93
N GLY C 135 -15.99 -15.95 -16.35
CA GLY C 135 -15.94 -14.69 -17.06
C GLY C 135 -15.80 -14.83 -18.56
N VAL C 136 -16.42 -15.88 -19.12
CA VAL C 136 -16.44 -16.12 -20.57
C VAL C 136 -17.87 -16.19 -21.11
N CYS C 137 -18.80 -15.58 -20.39
CA CYS C 137 -20.22 -15.58 -20.74
C CYS C 137 -20.52 -14.58 -21.85
N SER C 138 -21.64 -14.80 -22.55
CA SER C 138 -22.05 -13.99 -23.69
C SER C 138 -23.17 -13.03 -23.34
N GLU C 139 -23.31 -11.97 -24.13
CA GLU C 139 -24.39 -11.00 -24.00
C GLU C 139 -25.70 -11.78 -24.02
N GLY C 140 -26.52 -11.56 -22.98
CA GLY C 140 -27.77 -12.27 -22.79
C GLY C 140 -27.74 -13.26 -21.64
N CYS C 141 -26.56 -13.45 -21.03
CA CYS C 141 -26.40 -14.37 -19.90
C CYS C 141 -27.42 -14.08 -18.79
N VAL C 142 -27.97 -15.15 -18.21
CA VAL C 142 -29.02 -15.05 -17.20
C VAL C 142 -28.62 -15.77 -15.94
N ALA C 143 -29.05 -15.24 -14.80
CA ALA C 143 -28.81 -15.83 -13.50
C ALA C 143 -29.98 -15.54 -12.56
N PRO C 144 -30.53 -16.55 -11.86
CA PRO C 144 -31.64 -16.34 -10.93
C PRO C 144 -31.16 -15.73 -9.62
N PRO C 145 -32.08 -15.16 -8.80
CA PRO C 145 -31.71 -14.59 -7.50
C PRO C 145 -30.95 -15.60 -6.64
N TYR C 146 -29.90 -15.13 -5.96
CA TYR C 146 -29.14 -15.88 -4.94
C TYR C 146 -30.07 -16.10 -3.74
N PRO C 147 -30.32 -17.35 -3.30
CA PRO C 147 -31.20 -17.60 -2.16
C PRO C 147 -30.60 -17.02 -0.86
N ALA C 148 -31.46 -16.56 0.06
CA ALA C 148 -31.06 -15.91 1.31
C ALA C 148 -30.04 -16.71 2.10
N ASP C 149 -30.29 -18.00 2.27
CA ASP C 149 -29.34 -18.93 2.92
C ASP C 149 -28.13 -19.28 2.03
N GLY C 150 -28.39 -19.52 0.73
CA GLY C 150 -27.40 -19.59 -0.33
C GLY C 150 -25.90 -19.72 -0.11
N LEU C 151 -25.33 -18.90 0.78
CA LEU C 151 -23.93 -19.02 1.16
C LEU C 151 -23.77 -20.18 2.12
N PRO C 152 -23.03 -21.25 1.76
CA PRO C 152 -22.85 -22.39 2.65
C PRO C 152 -22.46 -21.93 4.06
N LYS C 153 -23.21 -22.40 5.07
CA LYS C 153 -22.88 -22.12 6.45
C LYS C 153 -21.49 -22.68 6.68
N ARG C 154 -20.60 -21.80 7.16
CA ARG C 154 -19.18 -22.09 7.50
C ARG C 154 -18.32 -22.06 6.23
N ALA C 155 -18.75 -21.29 5.21
CA ALA C 155 -17.93 -21.04 4.03
C ALA C 155 -16.64 -20.28 4.39
N LEU C 156 -16.81 -19.14 5.09
CA LEU C 156 -15.70 -18.29 5.51
C LEU C 156 -14.74 -19.05 6.43
N GLU C 157 -15.30 -19.90 7.31
CA GLU C 157 -14.53 -20.76 8.19
C GLU C 157 -13.72 -21.80 7.39
N ALA C 158 -14.33 -22.33 6.33
CA ALA C 158 -13.68 -23.31 5.44
C ALA C 158 -12.47 -22.67 4.74
N LEU C 159 -12.69 -21.48 4.15
CA LEU C 159 -11.61 -20.69 3.56
C LEU C 159 -10.50 -20.42 4.58
N ALA C 160 -10.89 -19.99 5.78
CA ALA C 160 -9.94 -19.71 6.86
C ALA C 160 -9.09 -20.93 7.21
N SER C 161 -9.72 -22.11 7.16
CA SER C 161 -9.02 -23.36 7.44
C SER C 161 -8.07 -23.74 6.33
N ALA C 162 -8.40 -23.34 5.09
CA ALA C 162 -7.69 -23.81 3.89
C ALA C 162 -6.62 -22.87 3.29
N TYR C 163 -6.79 -21.55 3.43
CA TYR C 163 -6.10 -20.53 2.60
C TYR C 163 -4.58 -20.67 2.73
N ARG C 164 -4.05 -21.01 3.90
CA ARG C 164 -2.58 -21.07 4.17
C ARG C 164 -1.96 -22.34 3.56
N LEU C 165 -2.78 -23.25 3.02
CA LEU C 165 -2.29 -24.30 2.13
C LEU C 165 -1.62 -23.72 0.89
N PRO C 166 -0.87 -24.53 0.11
CA PRO C 166 -0.49 -24.13 -1.24
C PRO C 166 -1.74 -23.74 -2.04
N SER C 167 -1.66 -22.66 -2.83
CA SER C 167 -2.82 -22.09 -3.51
C SER C 167 -3.55 -23.10 -4.41
N ASP C 168 -2.79 -23.92 -5.12
CA ASP C 168 -3.34 -24.98 -5.98
C ASP C 168 -4.06 -26.11 -5.22
N CYS C 169 -4.03 -26.07 -3.88
CA CYS C 169 -4.70 -27.04 -3.01
C CYS C 169 -5.84 -26.44 -2.19
N VAL C 170 -5.98 -25.11 -2.21
CA VAL C 170 -6.89 -24.40 -1.33
C VAL C 170 -8.35 -24.78 -1.60
N SER C 171 -8.73 -24.87 -2.88
CA SER C 171 -10.09 -25.22 -3.27
C SER C 171 -10.47 -26.64 -2.83
N SER C 172 -9.51 -27.57 -2.96
CA SER C 172 -9.68 -28.94 -2.45
C SER C 172 -9.88 -28.94 -0.92
N GLY C 173 -9.09 -28.12 -0.22
CA GLY C 173 -9.25 -27.92 1.22
C GLY C 173 -10.66 -27.46 1.59
N ILE C 174 -11.12 -26.41 0.91
CA ILE C 174 -12.45 -25.84 1.13
C ILE C 174 -13.52 -26.90 0.90
N ALA C 175 -13.45 -27.56 -0.26
CA ALA C 175 -14.39 -28.60 -0.64
C ALA C 175 -14.47 -29.73 0.41
N ASP C 176 -13.30 -30.20 0.87
CA ASP C 176 -13.20 -31.22 1.91
C ASP C 176 -13.91 -30.77 3.19
N PHE C 177 -13.55 -29.58 3.67
CA PHE C 177 -14.16 -28.98 4.85
C PHE C 177 -15.70 -28.93 4.72
N LEU C 178 -16.20 -28.27 3.67
CA LEU C 178 -17.64 -28.09 3.48
C LEU C 178 -18.39 -29.42 3.36
N ALA C 179 -17.77 -30.40 2.69
CA ALA C 179 -18.35 -31.73 2.48
C ALA C 179 -18.45 -32.53 3.78
N ASN C 180 -17.39 -32.49 4.59
CA ASN C 180 -17.33 -33.20 5.87
C ASN C 180 -16.88 -32.31 7.03
N PRO C 181 -17.67 -31.28 7.41
CA PRO C 181 -17.21 -30.24 8.33
C PRO C 181 -17.12 -30.69 9.79
N PRO C 182 -16.05 -30.29 10.53
CA PRO C 182 -15.93 -30.65 11.94
C PRO C 182 -17.10 -30.13 12.78
N PRO C 183 -17.89 -31.01 13.42
CA PRO C 183 -19.12 -30.59 14.10
C PRO C 183 -18.92 -29.87 15.45
N GLN C 184 -17.85 -30.20 16.19
CA GLN C 184 -17.58 -29.60 17.50
C GLN C 184 -17.34 -28.09 17.43
N GLU C 185 -18.11 -27.34 18.24
CA GLU C 185 -18.03 -25.88 18.29
C GLU C 185 -16.60 -25.33 18.47
N PHE C 186 -15.78 -26.03 19.27
CA PHE C 186 -14.38 -25.65 19.50
C PHE C 186 -13.39 -26.68 18.93
N TRP C 187 -13.71 -27.20 17.74
CA TRP C 187 -12.92 -28.25 17.08
C TRP C 187 -11.45 -27.87 16.88
N THR C 188 -11.18 -26.58 16.65
CA THR C 188 -9.83 -26.08 16.48
C THR C 188 -9.01 -26.25 17.76
N LEU C 189 -9.60 -25.84 18.89
CA LEU C 189 -9.01 -26.05 20.21
C LEU C 189 -8.82 -27.55 20.52
N ASP C 190 -9.80 -28.38 20.14
CA ASP C 190 -9.67 -29.84 20.24
C ASP C 190 -8.42 -30.33 19.48
N LYS C 191 -8.26 -29.84 18.26
CA LYS C 191 -7.21 -30.27 17.33
C LYS C 191 -5.83 -29.86 17.79
N MET C 192 -5.70 -28.68 18.41
CA MET C 192 -4.50 -28.32 19.18
C MET C 192 -4.40 -29.27 20.38
N LEU C 193 -4.01 -30.53 20.09
CA LEU C 193 -4.27 -31.71 20.94
C LEU C 193 -3.96 -31.46 22.41
N MET D 1 -10.93 -33.78 -37.00
CA MET D 1 -12.20 -33.00 -36.84
C MET D 1 -11.92 -31.53 -36.59
N GLN D 2 -12.94 -30.69 -36.82
CA GLN D 2 -12.86 -29.26 -36.58
C GLN D 2 -13.39 -28.91 -35.20
N ILE D 3 -12.64 -28.05 -34.48
CA ILE D 3 -13.17 -27.34 -33.32
C ILE D 3 -12.90 -25.85 -33.49
N PHE D 4 -13.66 -25.04 -32.74
CA PHE D 4 -13.50 -23.59 -32.72
C PHE D 4 -12.98 -23.15 -31.37
N VAL D 5 -12.13 -22.11 -31.38
CA VAL D 5 -11.61 -21.49 -30.17
C VAL D 5 -11.95 -20.01 -30.23
N LYS D 6 -12.63 -19.50 -29.19
CA LYS D 6 -13.03 -18.11 -29.10
C LYS D 6 -12.15 -17.33 -28.12
N THR D 7 -11.45 -16.32 -28.64
CA THR D 7 -10.63 -15.42 -27.79
C THR D 7 -11.54 -14.46 -27.03
N LEU D 8 -10.95 -13.73 -26.08
CA LEU D 8 -11.67 -12.80 -25.23
C LEU D 8 -12.28 -11.62 -26.00
N THR D 9 -11.66 -11.29 -27.14
CA THR D 9 -12.11 -10.22 -28.02
C THR D 9 -13.14 -10.69 -29.04
N GLY D 10 -13.50 -11.98 -28.98
CA GLY D 10 -14.54 -12.57 -29.81
C GLY D 10 -14.06 -13.04 -31.17
N LYS D 11 -12.74 -13.23 -31.32
CA LYS D 11 -12.18 -13.87 -32.51
C LYS D 11 -12.46 -15.36 -32.43
N THR D 12 -12.69 -15.98 -33.60
CA THR D 12 -12.95 -17.41 -33.69
C THR D 12 -11.89 -18.09 -34.56
N ILE D 13 -11.02 -18.85 -33.91
CA ILE D 13 -9.99 -19.68 -34.54
C ILE D 13 -10.62 -21.03 -34.87
N THR D 14 -10.24 -21.60 -36.02
CA THR D 14 -10.67 -22.93 -36.43
C THR D 14 -9.47 -23.85 -36.47
N LEU D 15 -9.58 -24.99 -35.78
CA LEU D 15 -8.50 -25.97 -35.65
C LEU D 15 -8.89 -27.31 -36.20
N GLU D 16 -7.89 -28.01 -36.75
CA GLU D 16 -7.99 -29.42 -37.11
C GLU D 16 -7.31 -30.22 -36.00
N VAL D 17 -8.08 -31.14 -35.39
CA VAL D 17 -7.61 -31.94 -34.25
C VAL D 17 -8.16 -33.35 -34.31
N GLU D 18 -7.62 -34.22 -33.45
CA GLU D 18 -8.14 -35.56 -33.22
C GLU D 18 -8.70 -35.64 -31.81
N PRO D 19 -9.71 -36.51 -31.53
CA PRO D 19 -10.20 -36.72 -30.18
C PRO D 19 -9.08 -37.10 -29.19
N SER D 20 -8.06 -37.82 -29.68
CA SER D 20 -6.91 -38.24 -28.88
C SER D 20 -6.03 -37.08 -28.41
N ASP D 21 -6.01 -35.98 -29.19
CA ASP D 21 -5.13 -34.83 -28.93
C ASP D 21 -5.27 -34.32 -27.50
N THR D 22 -4.12 -34.07 -26.87
CA THR D 22 -4.04 -33.54 -25.53
C THR D 22 -4.28 -32.02 -25.56
N ILE D 23 -4.69 -31.47 -24.42
CA ILE D 23 -4.87 -30.02 -24.28
C ILE D 23 -3.60 -29.24 -24.68
N GLU D 24 -2.44 -29.83 -24.38
CA GLU D 24 -1.14 -29.27 -24.78
C GLU D 24 -0.99 -29.17 -26.29
N ASN D 25 -1.43 -30.21 -27.01
CA ASN D 25 -1.43 -30.21 -28.46
C ASN D 25 -2.25 -29.04 -28.98
N VAL D 26 -3.46 -28.89 -28.43
CA VAL D 26 -4.38 -27.83 -28.86
C VAL D 26 -3.75 -26.45 -28.65
N LYS D 27 -3.10 -26.26 -27.49
CA LYS D 27 -2.38 -25.01 -27.20
C LYS D 27 -1.28 -24.71 -28.22
N ALA D 28 -0.51 -25.75 -28.59
CA ALA D 28 0.52 -25.64 -29.62
C ALA D 28 -0.03 -25.23 -30.99
N LYS D 29 -1.21 -25.74 -31.32
CA LYS D 29 -1.89 -25.41 -32.57
C LYS D 29 -2.38 -23.97 -32.57
N ILE D 30 -2.93 -23.54 -31.44
CA ILE D 30 -3.35 -22.16 -31.23
C ILE D 30 -2.16 -21.21 -31.41
N GLN D 31 -1.00 -21.60 -30.88
CA GLN D 31 0.23 -20.84 -31.09
C GLN D 31 0.56 -20.71 -32.56
N ASP D 32 0.49 -21.83 -33.29
CA ASP D 32 0.79 -21.83 -34.73
C ASP D 32 -0.16 -20.92 -35.54
N LYS D 33 -1.41 -20.82 -35.10
CA LYS D 33 -2.40 -19.97 -35.77
C LYS D 33 -2.44 -18.51 -35.32
N GLU D 34 -2.04 -18.24 -34.07
CA GLU D 34 -2.23 -16.92 -33.45
C GLU D 34 -1.04 -16.24 -32.82
N GLY D 35 0.03 -17.00 -32.56
CA GLY D 35 1.22 -16.48 -31.90
C GLY D 35 1.00 -16.18 -30.43
N ILE D 36 0.07 -16.92 -29.80
CA ILE D 36 -0.17 -16.85 -28.38
C ILE D 36 0.65 -17.94 -27.73
N PRO D 37 1.64 -17.62 -26.88
CA PRO D 37 2.45 -18.65 -26.21
C PRO D 37 1.61 -19.55 -25.31
N PRO D 38 1.76 -20.89 -25.40
CA PRO D 38 1.03 -21.80 -24.51
C PRO D 38 1.18 -21.46 -23.02
N ASP D 39 2.34 -20.91 -22.62
CA ASP D 39 2.60 -20.57 -21.23
C ASP D 39 1.54 -19.64 -20.64
N GLN D 40 0.87 -18.83 -21.48
CA GLN D 40 -0.16 -17.89 -21.03
C GLN D 40 -1.59 -18.24 -21.49
N GLN D 41 -1.76 -19.46 -22.02
CA GLN D 41 -3.05 -19.96 -22.46
C GLN D 41 -3.74 -20.78 -21.37
N ARG D 42 -5.05 -20.56 -21.23
CA ARG D 42 -5.96 -21.46 -20.47
C ARG D 42 -7.23 -21.67 -21.30
N LEU D 43 -7.62 -22.93 -21.52
CA LEU D 43 -8.78 -23.28 -22.32
C LEU D 43 -9.97 -23.69 -21.46
N ILE D 44 -11.13 -23.10 -21.74
CA ILE D 44 -12.39 -23.39 -21.07
C ILE D 44 -13.31 -24.12 -22.07
N PHE D 45 -14.11 -25.06 -21.56
CA PHE D 45 -15.16 -25.73 -22.32
C PHE D 45 -16.44 -25.82 -21.48
N ALA D 46 -17.42 -24.98 -21.81
CA ALA D 46 -18.71 -24.92 -21.11
C ALA D 46 -18.53 -24.60 -19.61
N GLY D 47 -17.56 -23.72 -19.32
CA GLY D 47 -17.19 -23.34 -17.96
C GLY D 47 -16.09 -24.19 -17.31
N LYS D 48 -15.91 -25.43 -17.82
CA LYS D 48 -14.97 -26.38 -17.25
C LYS D 48 -13.56 -26.02 -17.70
N GLN D 49 -12.67 -25.80 -16.72
CA GLN D 49 -11.30 -25.38 -16.99
C GLN D 49 -10.46 -26.60 -17.36
N LEU D 50 -10.01 -26.65 -18.62
CA LEU D 50 -9.27 -27.79 -19.15
C LEU D 50 -7.86 -27.84 -18.55
N GLU D 51 -7.27 -29.04 -18.49
CA GLU D 51 -5.94 -29.26 -17.91
C GLU D 51 -5.01 -30.01 -18.84
N ASP D 52 -3.71 -29.64 -18.80
CA ASP D 52 -2.70 -30.07 -19.78
C ASP D 52 -2.63 -31.60 -20.01
N GLY D 53 -2.75 -32.36 -18.93
CA GLY D 53 -2.61 -33.80 -18.97
C GLY D 53 -3.58 -34.54 -19.88
N ARG D 54 -4.83 -34.06 -19.93
CA ARG D 54 -5.98 -34.82 -20.48
C ARG D 54 -6.15 -34.55 -21.99
N THR D 55 -7.02 -35.37 -22.61
CA THR D 55 -7.34 -35.30 -24.03
C THR D 55 -8.70 -34.62 -24.25
N LEU D 56 -9.01 -34.35 -25.53
CA LEU D 56 -10.31 -33.83 -25.93
C LEU D 56 -11.41 -34.86 -25.66
N SER D 57 -11.09 -36.14 -25.92
CA SER D 57 -11.98 -37.28 -25.61
C SER D 57 -12.45 -37.22 -24.17
N ASP D 58 -11.49 -37.08 -23.23
CA ASP D 58 -11.76 -37.07 -21.80
C ASP D 58 -12.77 -36.00 -21.37
N TYR D 59 -12.80 -34.87 -22.09
CA TYR D 59 -13.64 -33.68 -21.77
C TYR D 59 -14.90 -33.66 -22.64
N ASN D 60 -15.08 -34.65 -23.51
CA ASN D 60 -16.26 -34.80 -24.36
C ASN D 60 -16.36 -33.70 -25.42
N ILE D 61 -15.22 -33.36 -26.01
CA ILE D 61 -15.12 -32.30 -27.01
C ILE D 61 -15.13 -32.96 -28.38
N GLN D 62 -16.27 -32.87 -29.07
CA GLN D 62 -16.49 -33.53 -30.34
C GLN D 62 -16.44 -32.51 -31.45
N LYS D 63 -16.59 -32.98 -32.71
CA LYS D 63 -16.63 -32.12 -33.87
C LYS D 63 -17.56 -30.94 -33.63
N GLU D 64 -17.15 -29.76 -34.10
CA GLU D 64 -17.91 -28.50 -34.04
C GLU D 64 -17.93 -27.82 -32.67
N SER D 65 -17.36 -28.47 -31.65
CA SER D 65 -17.30 -27.91 -30.30
C SER D 65 -16.59 -26.56 -30.30
N THR D 66 -16.98 -25.68 -29.38
CA THR D 66 -16.33 -24.39 -29.19
C THR D 66 -15.69 -24.32 -27.79
N LEU D 67 -14.39 -24.02 -27.77
CA LEU D 67 -13.64 -23.75 -26.56
C LEU D 67 -13.47 -22.24 -26.44
N HIS D 68 -13.25 -21.76 -25.22
CA HIS D 68 -12.92 -20.36 -24.96
C HIS D 68 -11.47 -20.27 -24.52
N LEU D 69 -10.70 -19.42 -25.22
CA LEU D 69 -9.33 -19.11 -24.88
C LEU D 69 -9.32 -17.93 -23.92
N VAL D 70 -8.52 -18.09 -22.86
CA VAL D 70 -8.40 -17.13 -21.78
C VAL D 70 -6.91 -16.98 -21.46
N LEU D 71 -6.54 -15.78 -21.00
CA LEU D 71 -5.19 -15.46 -20.55
C LEU D 71 -5.02 -15.88 -19.10
N ARG D 72 -3.97 -16.66 -18.82
CA ARG D 72 -3.57 -17.06 -17.44
C ARG D 72 -3.30 -15.82 -16.58
N LEU D 73 -3.95 -15.73 -15.41
CA LEU D 73 -3.75 -14.65 -14.46
C LEU D 73 -3.20 -15.21 -13.17
N ARG D 74 -2.12 -14.62 -12.67
CA ARG D 74 -1.48 -15.02 -11.39
C ARG D 74 -1.25 -13.77 -10.52
N GLY D 75 -1.57 -13.87 -9.22
CA GLY D 75 -1.41 -12.78 -8.29
C GLY D 75 -1.28 -13.26 -6.85
N VAL E 29 -13.00 -6.59 15.70
CA VAL E 29 -12.23 -7.65 14.97
C VAL E 29 -11.22 -7.04 14.00
N PRO E 30 -9.91 -7.43 14.07
CA PRO E 30 -8.91 -6.96 13.12
C PRO E 30 -9.17 -7.43 11.67
N THR E 31 -8.98 -6.50 10.72
CA THR E 31 -9.10 -6.73 9.29
C THR E 31 -7.84 -6.19 8.63
N CYS E 32 -7.62 -6.58 7.36
CA CYS E 32 -6.49 -6.07 6.58
C CYS E 32 -6.93 -5.64 5.20
N GLY E 33 -6.14 -4.75 4.59
CA GLY E 33 -6.40 -4.22 3.27
C GLY E 33 -7.23 -2.96 3.37
N ILE E 34 -7.40 -2.30 2.22
CA ILE E 34 -8.05 -1.01 2.11
C ILE E 34 -9.30 -1.12 1.26
N THR E 35 -10.41 -0.59 1.79
CA THR E 35 -11.69 -0.55 1.14
C THR E 35 -12.04 0.90 0.79
N THR E 36 -12.08 1.19 -0.52
CA THR E 36 -12.21 2.53 -1.05
C THR E 36 -13.43 2.66 -1.95
N TYR E 37 -14.13 3.79 -1.81
CA TYR E 37 -15.17 4.26 -2.76
C TYR E 37 -14.58 5.40 -3.61
N SER E 38 -14.56 5.18 -4.94
CA SER E 38 -14.17 6.17 -5.91
C SER E 38 -15.43 6.67 -6.62
N PRO E 39 -15.81 7.96 -6.47
CA PRO E 39 -16.95 8.54 -7.19
C PRO E 39 -16.82 8.48 -8.70
N PRO E 40 -17.93 8.70 -9.45
CA PRO E 40 -17.86 8.82 -10.90
C PRO E 40 -17.11 10.11 -11.27
N THR E 41 -16.87 10.30 -12.57
CA THR E 41 -16.11 11.42 -13.07
C THR E 41 -17.05 12.50 -13.62
N ASP E 42 -18.08 12.85 -12.84
CA ASP E 42 -19.10 13.82 -13.23
C ASP E 42 -18.74 15.26 -12.87
N GLY E 43 -17.88 15.41 -11.86
CA GLY E 43 -17.45 16.70 -11.35
C GLY E 43 -17.92 17.01 -9.93
N SER E 44 -18.60 16.04 -9.31
CA SER E 44 -19.21 16.20 -7.99
C SER E 44 -18.63 15.21 -6.97
N CYS E 45 -17.39 14.78 -7.20
CA CYS E 45 -16.78 13.67 -6.48
C CYS E 45 -16.77 13.84 -4.95
N GLY E 46 -16.46 15.06 -4.47
CA GLY E 46 -16.43 15.33 -3.05
C GLY E 46 -17.78 15.09 -2.39
N TRP E 47 -18.82 15.61 -3.04
CA TRP E 47 -20.19 15.51 -2.56
C TRP E 47 -20.67 14.05 -2.61
N HIS E 48 -20.28 13.34 -3.67
CA HIS E 48 -20.52 11.90 -3.78
C HIS E 48 -19.86 11.14 -2.64
N VAL E 49 -18.67 11.58 -2.24
CA VAL E 49 -17.92 10.97 -1.14
C VAL E 49 -18.72 11.05 0.16
N LEU E 50 -19.18 12.27 0.50
CA LEU E 50 -19.99 12.47 1.71
C LEU E 50 -21.29 11.66 1.67
N ALA E 51 -21.98 11.73 0.52
CA ALA E 51 -23.18 10.95 0.25
C ALA E 51 -22.96 9.46 0.51
N ALA E 52 -21.81 8.94 0.08
CA ALA E 52 -21.46 7.52 0.21
C ALA E 52 -21.16 7.13 1.64
N ILE E 53 -20.48 8.02 2.39
CA ILE E 53 -20.21 7.82 3.82
C ILE E 53 -21.55 7.62 4.53
N MET E 54 -22.48 8.55 4.29
CA MET E 54 -23.80 8.48 4.91
C MET E 54 -24.61 7.28 4.43
N ASN E 55 -24.46 6.92 3.15
CA ASN E 55 -25.20 5.82 2.58
C ASN E 55 -24.77 4.50 3.22
N ARG E 56 -23.48 4.36 3.52
CA ARG E 56 -22.98 3.18 4.25
C ARG E 56 -23.47 3.23 5.70
N MET E 57 -23.38 4.39 6.36
CA MET E 57 -23.82 4.52 7.74
C MET E 57 -25.28 4.08 7.92
N ILE E 58 -26.14 4.55 7.00
CA ILE E 58 -27.59 4.32 7.07
C ILE E 58 -28.03 2.96 6.52
N ASN E 59 -27.49 2.55 5.37
CA ASN E 59 -27.95 1.37 4.63
C ASN E 59 -26.95 0.25 4.35
N GLY E 60 -25.69 0.46 4.76
CA GLY E 60 -24.60 -0.49 4.54
C GLY E 60 -24.03 -0.50 3.12
N ASP E 61 -24.47 0.45 2.29
CA ASP E 61 -24.07 0.57 0.90
C ASP E 61 -23.07 1.72 0.74
N PHE E 62 -21.79 1.35 0.60
CA PHE E 62 -20.69 2.31 0.50
C PHE E 62 -20.57 2.82 -0.94
N THR E 63 -21.51 3.71 -1.30
CA THR E 63 -21.61 4.28 -2.65
C THR E 63 -22.60 5.44 -2.65
N SER E 64 -22.49 6.32 -3.64
CA SER E 64 -23.34 7.51 -3.71
C SER E 64 -24.69 7.16 -4.34
N PRO E 65 -25.81 7.45 -3.65
CA PRO E 65 -27.14 7.40 -4.25
C PRO E 65 -27.56 8.73 -4.90
N LEU E 66 -26.70 9.76 -4.82
CA LEU E 66 -27.00 11.02 -5.46
C LEU E 66 -26.96 10.80 -6.95
N THR E 67 -27.86 11.49 -7.66
CA THR E 67 -27.91 11.45 -9.10
C THR E 67 -26.68 12.22 -9.57
N GLN E 68 -26.03 11.74 -10.63
CA GLN E 68 -24.81 12.35 -11.11
C GLN E 68 -25.13 13.74 -11.57
N TYR E 69 -24.21 14.68 -11.30
CA TYR E 69 -24.37 16.12 -11.64
C TYR E 69 -23.05 16.65 -12.21
N ASN E 70 -23.10 17.11 -13.46
CA ASN E 70 -21.94 17.60 -14.17
C ASN E 70 -21.60 19.03 -13.82
N ARG E 71 -20.30 19.30 -13.70
CA ARG E 71 -19.77 20.67 -13.47
C ARG E 71 -18.28 20.74 -13.75
N PRO E 72 -17.75 21.93 -14.11
CA PRO E 72 -16.33 22.13 -14.41
C PRO E 72 -15.44 22.52 -13.22
N GLU E 73 -14.14 22.73 -13.48
CA GLU E 73 -13.10 23.05 -12.49
C GLU E 73 -13.47 24.10 -11.45
N ASP E 74 -14.04 25.21 -11.93
CA ASP E 74 -14.41 26.33 -11.07
C ASP E 74 -15.56 26.03 -10.10
N ASP E 75 -16.17 24.84 -10.20
CA ASP E 75 -17.13 24.38 -9.19
C ASP E 75 -16.69 23.10 -8.47
N TRP E 76 -15.38 22.80 -8.54
CA TRP E 76 -14.81 21.71 -7.77
C TRP E 76 -14.93 22.05 -6.29
N ALA E 77 -14.82 21.04 -5.42
CA ALA E 77 -14.91 21.22 -3.98
C ALA E 77 -13.54 21.21 -3.31
N SER E 78 -13.36 22.13 -2.36
CA SER E 78 -12.13 22.25 -1.60
C SER E 78 -12.20 21.44 -0.30
N ASP E 79 -11.04 21.27 0.33
CA ASP E 79 -10.95 20.68 1.67
C ASP E 79 -11.72 21.51 2.69
N TYR E 80 -11.75 22.83 2.51
CA TYR E 80 -12.55 23.79 3.33
C TYR E 80 -14.04 23.40 3.24
N ASP E 81 -14.57 23.36 2.02
CA ASP E 81 -15.96 22.97 1.76
C ASP E 81 -16.29 21.65 2.44
N LEU E 82 -15.47 20.63 2.17
CA LEU E 82 -15.70 19.28 2.69
C LEU E 82 -15.66 19.22 4.22
N VAL E 83 -14.75 19.99 4.84
CA VAL E 83 -14.62 20.05 6.29
C VAL E 83 -15.86 20.66 6.93
N GLN E 84 -16.28 21.82 6.41
CA GLN E 84 -17.51 22.46 6.87
C GLN E 84 -18.70 21.51 6.78
N ALA E 85 -18.83 20.85 5.62
CA ALA E 85 -19.91 19.90 5.36
C ALA E 85 -19.92 18.71 6.35
N ILE E 86 -18.72 18.14 6.59
CA ILE E 86 -18.54 17.04 7.55
C ILE E 86 -19.05 17.44 8.94
N GLN E 87 -18.76 18.68 9.34
CA GLN E 87 -19.18 19.19 10.65
C GLN E 87 -20.69 19.42 10.72
N CYS E 88 -21.27 19.98 9.65
CA CYS E 88 -22.73 20.16 9.55
C CYS E 88 -23.50 18.84 9.62
N LEU E 89 -23.05 17.85 8.84
CA LEU E 89 -23.69 16.54 8.77
C LEU E 89 -23.28 15.65 9.93
N GLN E 90 -22.28 16.10 10.70
CA GLN E 90 -21.74 15.38 11.86
C GLN E 90 -21.24 13.97 11.53
N LEU E 91 -20.29 13.88 10.60
CA LEU E 91 -19.80 12.59 10.13
C LEU E 91 -18.54 12.14 10.87
N PRO E 92 -18.37 10.83 11.13
CA PRO E 92 -17.12 10.29 11.66
C PRO E 92 -16.05 10.18 10.55
N ALA E 93 -15.64 11.34 10.02
CA ALA E 93 -14.83 11.42 8.83
C ALA E 93 -13.77 12.49 8.96
N THR E 94 -12.56 12.19 8.48
CA THR E 94 -11.47 13.16 8.41
C THR E 94 -11.06 13.41 6.96
N VAL E 95 -10.50 14.60 6.69
CA VAL E 95 -9.80 14.87 5.44
C VAL E 95 -8.33 14.59 5.71
N VAL E 96 -7.79 13.56 5.07
CA VAL E 96 -6.41 13.14 5.30
C VAL E 96 -5.45 14.06 4.56
N ARG E 97 -4.58 14.74 5.31
CA ARG E 97 -3.50 15.61 4.76
C ARG E 97 -2.24 14.75 4.63
N ASN E 98 -1.72 14.25 5.75
CA ASN E 98 -0.50 13.47 5.80
C ASN E 98 -0.76 12.22 6.65
N ARG E 99 -0.91 12.42 7.96
CA ARG E 99 -1.29 11.39 8.94
C ARG E 99 -2.82 11.24 8.90
N ALA E 100 -3.32 9.99 8.91
CA ALA E 100 -4.75 9.75 9.04
C ALA E 100 -5.08 9.70 10.52
N CYS E 101 -6.12 10.44 10.92
CA CYS E 101 -6.62 10.40 12.29
C CYS E 101 -7.00 8.97 12.68
N PRO E 102 -6.35 8.37 13.71
CA PRO E 102 -6.66 7.00 14.12
C PRO E 102 -8.13 6.80 14.55
N ASN E 103 -8.80 7.87 14.99
CA ASN E 103 -10.19 7.82 15.43
C ASN E 103 -11.24 7.98 14.32
N ALA E 104 -10.79 8.34 13.11
CA ALA E 104 -11.71 8.54 12.01
C ALA E 104 -12.05 7.18 11.38
N LYS E 105 -13.34 6.84 11.34
CA LYS E 105 -13.79 5.61 10.69
C LYS E 105 -13.70 5.74 9.17
N TYR E 106 -13.98 6.95 8.66
CA TYR E 106 -13.96 7.30 7.21
C TYR E 106 -12.82 8.28 6.91
N LEU E 107 -11.95 7.89 5.97
CA LEU E 107 -10.80 8.68 5.56
C LEU E 107 -10.99 9.25 4.15
N ILE E 108 -11.20 10.56 4.05
CA ILE E 108 -11.34 11.22 2.76
C ILE E 108 -9.96 11.65 2.24
N LYS E 109 -9.69 11.33 0.96
CA LYS E 109 -8.40 11.60 0.33
C LYS E 109 -8.57 12.20 -1.05
N LEU E 110 -7.75 13.21 -1.37
CA LEU E 110 -7.66 13.72 -2.73
C LEU E 110 -6.63 12.88 -3.47
N ASN E 111 -7.12 12.04 -4.39
CA ASN E 111 -6.29 11.17 -5.22
C ASN E 111 -6.08 11.87 -6.57
N GLY E 112 -4.92 12.51 -6.71
CA GLY E 112 -4.64 13.43 -7.79
C GLY E 112 -5.57 14.61 -7.64
N VAL E 113 -6.67 14.59 -8.41
CA VAL E 113 -7.73 15.60 -8.32
C VAL E 113 -9.12 14.98 -8.11
N HIS E 114 -9.15 13.70 -7.72
CA HIS E 114 -10.39 12.96 -7.53
C HIS E 114 -10.54 12.61 -6.04
N TRP E 115 -11.51 13.25 -5.38
CA TRP E 115 -11.86 12.96 -3.99
C TRP E 115 -12.36 11.51 -3.94
N GLU E 116 -11.73 10.71 -3.09
CA GLU E 116 -12.14 9.33 -2.81
C GLU E 116 -12.26 9.18 -1.30
N VAL E 117 -12.86 8.07 -0.85
CA VAL E 117 -12.97 7.80 0.58
C VAL E 117 -12.76 6.34 0.95
N GLU E 118 -11.89 6.12 1.95
CA GLU E 118 -11.63 4.81 2.54
C GLU E 118 -12.50 4.63 3.78
N VAL E 119 -12.81 3.36 4.10
CA VAL E 119 -13.56 3.03 5.31
C VAL E 119 -12.90 1.91 6.09
N ARG E 120 -12.79 2.10 7.41
CA ARG E 120 -12.29 1.09 8.38
C ARG E 120 -13.51 0.30 8.90
N SER E 121 -13.75 -0.88 8.31
CA SER E 121 -14.98 -1.66 8.52
C SER E 121 -15.07 -2.22 9.95
N GLY E 122 -13.93 -2.73 10.45
CA GLY E 122 -13.85 -3.31 11.78
C GLY E 122 -13.50 -2.26 12.80
N MET E 123 -14.44 -1.35 13.08
CA MET E 123 -14.22 -0.20 13.96
C MET E 123 -15.53 0.54 14.16
N ALA E 124 -15.89 0.78 15.42
CA ALA E 124 -17.07 1.55 15.77
C ALA E 124 -16.81 3.01 15.46
N PRO E 125 -17.79 3.75 14.88
CA PRO E 125 -17.58 5.17 14.57
C PRO E 125 -17.33 5.98 15.85
N ARG E 126 -16.45 6.97 15.77
CA ARG E 126 -16.10 7.88 16.90
C ARG E 126 -16.42 9.32 16.51
N SER E 127 -16.96 10.10 17.45
CA SER E 127 -17.28 11.51 17.26
C SER E 127 -15.98 12.28 17.34
N LEU E 128 -15.58 12.88 16.21
CA LEU E 128 -14.27 13.49 16.05
C LEU E 128 -14.22 14.96 16.45
N PRO E 129 -13.22 15.39 17.26
CA PRO E 129 -12.93 16.80 17.44
C PRO E 129 -12.63 17.50 16.09
N ARG E 130 -12.73 18.83 16.06
CA ARG E 130 -12.65 19.58 14.78
C ARG E 130 -11.23 19.47 14.21
N GLU E 131 -10.20 19.44 15.06
CA GLU E 131 -8.84 19.26 14.58
C GLU E 131 -8.65 17.89 13.94
N CYS E 132 -9.36 16.89 14.47
CA CYS E 132 -9.38 15.54 13.90
C CYS E 132 -10.06 15.52 12.53
N VAL E 133 -11.20 16.21 12.42
CA VAL E 133 -11.95 16.30 11.16
C VAL E 133 -11.11 16.96 10.06
N VAL E 134 -10.48 18.08 10.42
CA VAL E 134 -9.64 18.87 9.52
C VAL E 134 -8.39 18.09 9.11
N GLY E 135 -7.92 17.22 10.00
CA GLY E 135 -6.75 16.40 9.78
C GLY E 135 -5.44 17.09 10.20
N VAL E 136 -5.51 17.89 11.26
CA VAL E 136 -4.33 18.55 11.84
C VAL E 136 -4.14 18.18 13.32
N CYS E 137 -4.68 17.02 13.70
CA CYS E 137 -4.62 16.52 15.06
C CYS E 137 -3.25 15.91 15.37
N SER E 138 -2.93 15.79 16.66
CA SER E 138 -1.62 15.32 17.11
C SER E 138 -1.70 13.88 17.60
N GLU E 139 -0.55 13.21 17.56
CA GLU E 139 -0.40 11.85 18.08
C GLU E 139 -0.93 11.86 19.51
N GLY E 140 -1.87 10.95 19.80
CA GLY E 140 -2.54 10.85 21.09
C GLY E 140 -3.97 11.36 21.09
N CYS E 141 -4.42 11.91 19.96
CA CYS E 141 -5.78 12.44 19.83
C CYS E 141 -6.85 11.44 20.28
N VAL E 142 -7.87 11.95 20.96
CA VAL E 142 -8.94 11.14 21.53
C VAL E 142 -10.31 11.55 21.01
N ALA E 143 -11.20 10.57 20.87
CA ALA E 143 -12.57 10.79 20.42
C ALA E 143 -13.51 9.77 21.08
N PRO E 144 -14.64 10.21 21.68
CA PRO E 144 -15.59 9.30 22.30
C PRO E 144 -16.46 8.58 21.27
N PRO E 145 -17.12 7.45 21.65
CA PRO E 145 -17.99 6.72 20.72
C PRO E 145 -19.04 7.63 20.08
N TYR E 146 -19.27 7.44 18.78
CA TYR E 146 -20.37 8.08 18.01
C TYR E 146 -21.68 7.52 18.54
N PRO E 147 -22.63 8.35 19.02
CA PRO E 147 -23.91 7.82 19.52
C PRO E 147 -24.72 7.15 18.40
N ALA E 148 -25.48 6.10 18.73
CA ALA E 148 -26.36 5.40 17.78
C ALA E 148 -27.30 6.37 17.06
N ASP E 149 -27.94 7.26 17.84
CA ASP E 149 -28.73 8.36 17.33
C ASP E 149 -27.81 9.56 17.26
N GLY E 150 -26.84 9.48 16.33
CA GLY E 150 -25.75 10.46 16.17
C GLY E 150 -25.70 11.16 14.81
N LEU E 151 -26.07 10.43 13.76
CA LEU E 151 -26.19 11.01 12.42
C LEU E 151 -27.50 11.77 12.36
N PRO E 152 -27.49 13.11 12.17
CA PRO E 152 -28.73 13.88 12.07
C PRO E 152 -29.71 13.21 11.10
N LYS E 153 -30.95 13.00 11.55
CA LYS E 153 -31.87 12.11 10.86
C LYS E 153 -32.03 12.29 9.35
N ARG E 154 -32.07 13.54 8.88
CA ARG E 154 -32.28 13.88 7.44
C ARG E 154 -30.99 14.45 6.85
N ALA E 155 -29.85 13.91 7.27
CA ALA E 155 -28.53 14.41 6.83
C ALA E 155 -28.33 14.18 5.33
N LEU E 156 -28.53 12.92 4.91
CA LEU E 156 -28.36 12.54 3.50
C LEU E 156 -29.32 13.30 2.59
N GLU E 157 -30.54 13.52 3.09
CA GLU E 157 -31.56 14.31 2.39
C GLU E 157 -31.14 15.79 2.27
N ALA E 158 -30.50 16.32 3.33
CA ALA E 158 -29.99 17.68 3.34
C ALA E 158 -28.89 17.87 2.29
N LEU E 159 -27.93 16.94 2.28
CA LEU E 159 -26.88 16.91 1.26
C LEU E 159 -27.49 16.83 -0.14
N ALA E 160 -28.46 15.93 -0.33
CA ALA E 160 -29.15 15.76 -1.61
C ALA E 160 -29.81 17.06 -2.07
N SER E 161 -30.36 17.82 -1.11
CA SER E 161 -31.01 19.09 -1.43
C SER E 161 -29.99 20.17 -1.78
N ALA E 162 -28.78 20.06 -1.23
CA ALA E 162 -27.77 21.12 -1.32
C ALA E 162 -26.66 20.97 -2.39
N TYR E 163 -26.29 19.74 -2.72
CA TYR E 163 -25.00 19.42 -3.39
C TYR E 163 -24.91 20.14 -4.74
N ARG E 164 -26.01 20.29 -5.47
CA ARG E 164 -26.02 20.88 -6.84
C ARG E 164 -25.88 22.41 -6.78
N LEU E 165 -25.90 23.00 -5.58
CA LEU E 165 -25.46 24.38 -5.39
C LEU E 165 -24.00 24.54 -5.78
N PRO E 166 -23.50 25.79 -5.92
CA PRO E 166 -22.06 26.04 -5.97
C PRO E 166 -21.40 25.41 -4.73
N SER E 167 -20.24 24.76 -4.90
CA SER E 167 -19.59 24.00 -3.84
C SER E 167 -19.33 24.82 -2.56
N ASP E 168 -18.90 26.08 -2.75
CA ASP E 168 -18.66 27.00 -1.64
C ASP E 168 -19.92 27.43 -0.87
N CYS E 169 -21.10 27.00 -1.35
CA CYS E 169 -22.38 27.28 -0.72
C CYS E 169 -23.10 26.04 -0.18
N VAL E 170 -22.54 24.85 -0.47
CA VAL E 170 -23.21 23.59 -0.16
C VAL E 170 -23.39 23.38 1.34
N SER E 171 -22.34 23.72 2.11
CA SER E 171 -22.37 23.59 3.56
C SER E 171 -23.42 24.49 4.19
N SER E 172 -23.54 25.72 3.69
CA SER E 172 -24.59 26.66 4.09
C SER E 172 -25.98 26.08 3.80
N GLY E 173 -26.13 25.47 2.61
CA GLY E 173 -27.35 24.77 2.23
C GLY E 173 -27.73 23.70 3.22
N ILE E 174 -26.77 22.81 3.52
CA ILE E 174 -26.95 21.72 4.47
C ILE E 174 -27.37 22.24 5.83
N ALA E 175 -26.60 23.20 6.34
CA ALA E 175 -26.86 23.82 7.64
C ALA E 175 -28.28 24.40 7.72
N ASP E 176 -28.68 25.14 6.68
CA ASP E 176 -30.02 25.74 6.60
C ASP E 176 -31.10 24.67 6.66
N PHE E 177 -30.97 23.64 5.81
CA PHE E 177 -31.88 22.50 5.79
C PHE E 177 -32.01 21.87 7.18
N LEU E 178 -30.89 21.43 7.75
CA LEU E 178 -30.89 20.72 9.04
C LEU E 178 -31.46 21.57 10.17
N ALA E 179 -31.16 22.88 10.15
CA ALA E 179 -31.63 23.82 11.15
C ALA E 179 -33.14 24.07 11.08
N ASN E 180 -33.66 24.22 9.86
CA ASN E 180 -35.09 24.44 9.62
C ASN E 180 -35.67 23.52 8.56
N PRO E 181 -35.73 22.19 8.81
CA PRO E 181 -36.05 21.22 7.77
C PRO E 181 -37.53 21.18 7.39
N PRO E 182 -37.85 21.05 6.08
CA PRO E 182 -39.25 20.97 5.63
C PRO E 182 -39.97 19.78 6.25
N PRO E 183 -41.05 20.00 7.05
CA PRO E 183 -41.68 18.92 7.81
C PRO E 183 -42.54 17.95 7.01
N GLN E 184 -43.16 18.42 5.91
CA GLN E 184 -44.04 17.57 5.09
C GLN E 184 -43.30 16.40 4.44
N GLU E 185 -43.82 15.19 4.65
CA GLU E 185 -43.26 13.94 4.12
C GLU E 185 -42.93 13.99 2.62
N PHE E 186 -43.79 14.64 1.83
CA PHE E 186 -43.59 14.81 0.38
C PHE E 186 -43.38 16.27 -0.01
N TRP E 187 -42.61 16.99 0.80
CA TRP E 187 -42.35 18.43 0.61
C TRP E 187 -41.78 18.77 -0.77
N THR E 188 -40.99 17.85 -1.33
CA THR E 188 -40.40 18.01 -2.65
C THR E 188 -41.48 18.06 -3.73
N LEU E 189 -42.41 17.09 -3.68
CA LEU E 189 -43.59 17.06 -4.55
C LEU E 189 -44.46 18.30 -4.37
N ASP E 190 -44.65 18.75 -3.12
CA ASP E 190 -45.34 20.01 -2.82
C ASP E 190 -44.69 21.18 -3.57
N LYS E 191 -43.35 21.24 -3.48
CA LYS E 191 -42.54 22.34 -4.01
C LYS E 191 -42.56 22.39 -5.54
N MET E 192 -42.56 21.21 -6.18
CA MET E 192 -42.78 21.09 -7.62
C MET E 192 -44.17 21.57 -7.98
N LEU E 193 -45.19 20.83 -7.53
CA LEU E 193 -46.58 21.13 -7.88
C LEU E 193 -47.08 22.46 -7.29
N THR E 194 -46.14 23.26 -6.74
CA THR E 194 -46.31 24.70 -6.53
C THR E 194 -45.01 25.43 -6.90
N MET F 1 5.32 40.38 18.14
CA MET F 1 5.23 39.12 18.94
C MET F 1 5.59 37.91 18.09
N GLN F 2 5.93 36.81 18.78
CA GLN F 2 6.20 35.52 18.14
C GLN F 2 4.95 34.67 18.06
N ILE F 3 4.73 34.07 16.89
CA ILE F 3 3.82 32.93 16.75
C ILE F 3 4.55 31.79 16.06
N PHE F 4 4.02 30.57 16.23
CA PHE F 4 4.56 29.37 15.62
C PHE F 4 3.57 28.82 14.60
N VAL F 5 4.10 28.27 13.50
CA VAL F 5 3.31 27.65 12.45
C VAL F 5 3.83 26.23 12.26
N LYS F 6 2.93 25.24 12.35
CA LYS F 6 3.28 23.83 12.21
C LYS F 6 2.83 23.25 10.88
N THR F 7 3.80 22.84 10.04
CA THR F 7 3.51 22.29 8.72
C THR F 7 3.06 20.84 8.87
N LEU F 8 2.58 20.28 7.75
CA LEU F 8 2.10 18.90 7.70
C LEU F 8 3.17 17.85 7.98
N THR F 9 4.42 18.19 7.70
CA THR F 9 5.58 17.34 7.94
C THR F 9 6.14 17.48 9.35
N GLY F 10 5.51 18.34 10.16
CA GLY F 10 5.83 18.51 11.56
C GLY F 10 6.93 19.52 11.82
N LYS F 11 7.22 20.37 10.82
CA LYS F 11 8.14 21.47 10.98
C LYS F 11 7.45 22.56 11.76
N THR F 12 8.24 23.28 12.57
CA THR F 12 7.76 24.43 13.33
C THR F 12 8.50 25.70 12.91
N ILE F 13 7.78 26.57 12.18
CA ILE F 13 8.26 27.87 11.75
C ILE F 13 7.96 28.87 12.85
N THR F 14 8.89 29.82 13.05
CA THR F 14 8.70 30.91 13.99
C THR F 14 8.63 32.23 13.23
N LEU F 15 7.57 33.01 13.50
CA LEU F 15 7.31 34.28 12.84
C LEU F 15 7.28 35.42 13.83
N GLU F 16 7.71 36.60 13.36
CA GLU F 16 7.51 37.88 14.03
C GLU F 16 6.33 38.57 13.37
N VAL F 17 5.32 38.89 14.18
CA VAL F 17 4.06 39.49 13.71
C VAL F 17 3.52 40.50 14.71
N GLU F 18 2.53 41.29 14.27
CA GLU F 18 1.73 42.15 15.13
C GLU F 18 0.29 41.63 15.19
N PRO F 19 -0.46 41.89 16.28
CA PRO F 19 -1.87 41.51 16.35
C PRO F 19 -2.69 42.08 15.18
N SER F 20 -2.29 43.27 14.68
CA SER F 20 -2.94 43.91 13.55
C SER F 20 -2.80 43.17 12.23
N ASP F 21 -1.70 42.42 12.07
CA ASP F 21 -1.36 41.73 10.82
C ASP F 21 -2.51 40.88 10.32
N THR F 22 -2.80 40.99 9.01
CA THR F 22 -3.83 40.20 8.36
C THR F 22 -3.31 38.79 8.06
N ILE F 23 -4.25 37.85 7.89
CA ILE F 23 -3.90 36.47 7.53
C ILE F 23 -3.02 36.43 6.26
N GLU F 24 -3.29 37.36 5.34
CA GLU F 24 -2.50 37.51 4.11
C GLU F 24 -1.04 37.86 4.39
N ASN F 25 -0.82 38.77 5.35
CA ASN F 25 0.54 39.12 5.81
C ASN F 25 1.27 37.89 6.30
N VAL F 26 0.59 37.13 7.17
CA VAL F 26 1.18 35.93 7.76
C VAL F 26 1.58 34.93 6.67
N LYS F 27 0.71 34.73 5.68
CA LYS F 27 0.99 33.86 4.54
C LYS F 27 2.23 34.31 3.75
N ALA F 28 2.35 35.63 3.53
CA ALA F 28 3.51 36.21 2.86
C ALA F 28 4.82 35.96 3.62
N LYS F 29 4.74 36.00 4.96
CA LYS F 29 5.89 35.75 5.81
C LYS F 29 6.31 34.28 5.76
N ILE F 30 5.31 33.39 5.78
CA ILE F 30 5.52 31.96 5.61
C ILE F 30 6.21 31.67 4.28
N GLN F 31 5.78 32.35 3.22
CA GLN F 31 6.42 32.25 1.91
C GLN F 31 7.90 32.64 2.00
N ASP F 32 8.19 33.77 2.66
CA ASP F 32 9.56 34.24 2.80
C ASP F 32 10.47 33.26 3.56
N LYS F 33 9.90 32.54 4.53
CA LYS F 33 10.64 31.57 5.32
C LYS F 33 10.72 30.16 4.70
N GLU F 34 9.71 29.78 3.91
CA GLU F 34 9.56 28.38 3.48
C GLU F 34 9.37 28.12 1.98
N GLY F 35 9.06 29.16 1.21
CA GLY F 35 8.83 29.04 -0.21
C GLY F 35 7.54 28.34 -0.55
N ILE F 36 6.55 28.44 0.34
CA ILE F 36 5.21 27.93 0.11
C ILE F 36 4.38 29.09 -0.44
N PRO F 37 3.88 29.01 -1.69
CA PRO F 37 3.06 30.09 -2.25
C PRO F 37 1.77 30.31 -1.45
N PRO F 38 1.42 31.56 -1.09
CA PRO F 38 0.17 31.85 -0.38
C PRO F 38 -1.07 31.25 -1.06
N ASP F 39 -1.07 31.17 -2.39
CA ASP F 39 -2.23 30.66 -3.13
C ASP F 39 -2.62 29.24 -2.71
N GLN F 40 -1.65 28.46 -2.20
CA GLN F 40 -1.88 27.07 -1.76
C GLN F 40 -1.78 26.86 -0.23
N GLN F 41 -1.78 27.98 0.51
CA GLN F 41 -1.77 27.98 1.97
C GLN F 41 -3.18 28.09 2.51
N ARG F 42 -3.45 27.32 3.57
CA ARG F 42 -4.63 27.50 4.47
C ARG F 42 -4.14 27.37 5.91
N LEU F 43 -4.45 28.36 6.76
CA LEU F 43 -4.01 28.38 8.14
C LEU F 43 -5.15 28.04 9.08
N ILE F 44 -4.90 27.11 10.01
CA ILE F 44 -5.86 26.66 11.02
C ILE F 44 -5.38 27.16 12.38
N PHE F 45 -6.34 27.53 13.24
CA PHE F 45 -6.09 27.87 14.64
C PHE F 45 -7.14 27.20 15.54
N ALA F 46 -6.71 26.14 16.24
CA ALA F 46 -7.56 25.34 17.13
C ALA F 46 -8.77 24.75 16.39
N GLY F 47 -8.53 24.33 15.14
CA GLY F 47 -9.57 23.80 14.26
C GLY F 47 -10.28 24.82 13.39
N LYS F 48 -10.23 26.10 13.79
CA LYS F 48 -10.92 27.17 13.07
C LYS F 48 -10.11 27.57 11.85
N GLN F 49 -10.72 27.47 10.67
CA GLN F 49 -10.06 27.76 9.40
C GLN F 49 -10.03 29.27 9.15
N LEU F 50 -8.82 29.86 9.19
CA LEU F 50 -8.64 31.29 9.09
C LEU F 50 -8.91 31.78 7.66
N GLU F 51 -9.31 33.06 7.53
CA GLU F 51 -9.67 33.65 6.23
C GLU F 51 -8.90 34.95 5.96
N ASP F 52 -8.56 35.15 4.68
CA ASP F 52 -7.64 36.20 4.21
C ASP F 52 -7.95 37.61 4.72
N GLY F 53 -9.25 37.97 4.74
CA GLY F 53 -9.69 39.30 5.09
C GLY F 53 -9.31 39.77 6.48
N ARG F 54 -9.32 38.86 7.45
CA ARG F 54 -9.29 39.19 8.90
C ARG F 54 -7.85 39.29 9.43
N THR F 55 -7.71 39.81 10.65
CA THR F 55 -6.44 39.95 11.37
C THR F 55 -6.25 38.85 12.41
N LEU F 56 -5.05 38.80 12.99
CA LEU F 56 -4.75 37.91 14.10
C LEU F 56 -5.59 38.27 15.33
N SER F 57 -5.75 39.59 15.57
CA SER F 57 -6.60 40.13 16.63
C SER F 57 -8.00 39.54 16.57
N ASP F 58 -8.62 39.58 15.38
CA ASP F 58 -9.98 39.08 15.16
C ASP F 58 -10.18 37.62 15.56
N TYR F 59 -9.12 36.80 15.46
CA TYR F 59 -9.14 35.33 15.70
C TYR F 59 -8.58 35.01 17.09
N ASN F 60 -8.17 36.03 17.84
CA ASN F 60 -7.67 35.90 19.21
C ASN F 60 -6.32 35.16 19.28
N ILE F 61 -5.44 35.47 18.32
CA ILE F 61 -4.13 34.85 18.19
C ILE F 61 -3.10 35.77 18.84
N GLN F 62 -2.67 35.40 20.05
CA GLN F 62 -1.78 36.21 20.88
C GLN F 62 -0.38 35.64 20.85
N LYS F 63 0.55 36.30 21.53
CA LYS F 63 1.93 35.85 21.66
C LYS F 63 1.96 34.36 22.00
N GLU F 64 2.93 33.65 21.41
CA GLU F 64 3.17 32.21 21.63
C GLU F 64 2.19 31.27 20.94
N SER F 65 1.13 31.80 20.33
CA SER F 65 0.10 30.97 19.70
C SER F 65 0.71 30.09 18.61
N THR F 66 0.10 28.91 18.40
CA THR F 66 0.50 27.99 17.34
C THR F 66 -0.62 27.83 16.31
N LEU F 67 -0.29 28.10 15.04
CA LEU F 67 -1.18 27.86 13.92
C LEU F 67 -0.71 26.58 13.24
N HIS F 68 -1.62 25.94 12.49
CA HIS F 68 -1.29 24.79 11.66
C HIS F 68 -1.40 25.18 10.20
N LEU F 69 -0.32 24.95 9.45
CA LEU F 69 -0.30 25.18 8.01
C LEU F 69 -0.76 23.92 7.29
N VAL F 70 -1.64 24.12 6.31
CA VAL F 70 -2.23 23.07 5.53
C VAL F 70 -2.19 23.50 4.07
N LEU F 71 -2.06 22.50 3.19
CA LEU F 71 -2.07 22.68 1.75
C LEU F 71 -3.52 22.65 1.26
N ARG F 72 -3.91 23.67 0.50
CA ARG F 72 -5.24 23.76 -0.17
C ARG F 72 -5.41 22.58 -1.13
N LEU F 73 -6.48 21.79 -0.99
CA LEU F 73 -6.80 20.69 -1.88
C LEU F 73 -8.16 20.99 -2.48
N ARG F 74 -8.27 20.97 -3.80
CA ARG F 74 -9.59 21.05 -4.49
C ARG F 74 -9.65 19.99 -5.60
N GLY F 75 -10.79 19.29 -5.69
CA GLY F 75 -11.05 18.30 -6.71
C GLY F 75 -12.54 18.13 -6.97
#